data_1XF2
#
_entry.id   1XF2
#
_cell.length_a   170.678
_cell.length_b   170.678
_cell.length_c   144.667
_cell.angle_alpha   90.00
_cell.angle_beta   90.00
_cell.angle_gamma   120.00
#
_symmetry.space_group_name_H-M   'P 65 2 2'
#
loop_
_entity.id
_entity.type
_entity.pdbx_description
1 polymer "5'-D(*TP*TP*T)-3'"
2 polymer 'antibody light chain Fab'
3 polymer 'antibody heavy chain Fab'
4 non-polymer 'SULFATE ION'
5 water water
#
loop_
_entity_poly.entity_id
_entity_poly.type
_entity_poly.pdbx_seq_one_letter_code
_entity_poly.pdbx_strand_id
1 'polydeoxyribonucleotide' (DT)(DT)(DT) T
2 'polypeptide(L)'
;ELQMTQSPASLSASVGETVTITCRASENIYSYLAWYQQKQGKSPQLLVYNAKTLAEGVPSRFSGSGSGTQFSLKINSLQP
EDFGSYYCQHHYGTPLTFGAGTKLELKRADAAPTVSIFPPSSEQLTSGGASVVCFLNNFYPKDINVKWKIDGSERQNGVL
NSWTDQDSKDSTYSMSSTLTLTKDEYERHNSYTCEATHKTSTSPIVKSFNRNEC
;
L,A
3 'polypeptide(L)'
;QVKLLESGPELVKPGASVKMSCKASGYTFTSYVMHWVKQKPGQGLEWIGYINPYNDGTKYNEKFKGKATLTSDKSSSTAY
MELSSLTSEDSAVYYCVRGGYRPYYAMDYWGQGTSVTVSSAKTTPPSVYPLAPGSAAQTNSMVTLGCLVKGYFPEPVTVT
WNSGSLSSGVHTFPAVLQSDLYTLSSSVTVPSSTWPSETVTCNVAHPASSTKVDKKIVPRDCTSHHHHHH
;
H,B
#
loop_
_chem_comp.id
_chem_comp.type
_chem_comp.name
_chem_comp.formula
DT DNA linking THYMIDINE-5'-MONOPHOSPHATE 'C10 H15 N2 O8 P'
SO4 non-polymer 'SULFATE ION' 'O4 S -2'
#
# COMPACT_ATOMS: atom_id res chain seq x y z
N GLU B 1 -16.34 2.10 -28.56
CA GLU B 1 -16.54 1.29 -27.31
C GLU B 1 -16.79 2.22 -26.10
N LEU B 2 -16.16 1.90 -24.97
CA LEU B 2 -16.24 2.71 -23.75
C LEU B 2 -15.54 4.05 -23.95
N GLN B 3 -16.27 5.16 -23.72
CA GLN B 3 -15.73 6.52 -23.84
C GLN B 3 -15.70 7.25 -22.49
N MET B 4 -14.57 7.88 -22.21
CA MET B 4 -14.37 8.69 -21.01
C MET B 4 -14.35 10.18 -21.38
N THR B 5 -15.11 10.99 -20.63
CA THR B 5 -15.25 12.42 -20.82
C THR B 5 -14.81 13.17 -19.56
N GLN B 6 -13.81 14.05 -19.68
CA GLN B 6 -13.32 14.85 -18.54
C GLN B 6 -13.79 16.28 -18.61
N SER B 7 -13.94 16.92 -17.44
CA SER B 7 -14.31 18.32 -17.33
C SER B 7 -13.62 18.99 -16.13
N PRO B 8 -13.24 20.25 -16.28
CA PRO B 8 -13.23 20.95 -17.58
C PRO B 8 -11.99 20.57 -18.40
N ALA B 9 -11.95 21.04 -19.65
CA ALA B 9 -10.78 20.91 -20.51
C ALA B 9 -9.60 21.64 -19.89
N SER B 10 -9.87 22.86 -19.41
CA SER B 10 -8.88 23.66 -18.69
C SER B 10 -9.46 24.39 -17.50
N LEU B 11 -8.60 24.61 -16.53
CA LEU B 11 -8.95 25.25 -15.29
C LEU B 11 -7.70 26.01 -14.85
N SER B 12 -7.92 27.23 -14.38
CA SER B 12 -6.89 28.08 -13.79
C SER B 12 -7.18 28.16 -12.30
N ALA B 13 -6.14 28.13 -11.48
CA ALA B 13 -6.31 28.06 -10.04
C ALA B 13 -5.05 28.54 -9.35
N SER B 14 -5.19 28.93 -8.08
CA SER B 14 -4.09 29.43 -7.26
C SER B 14 -3.55 28.35 -6.33
N VAL B 15 -2.28 28.47 -5.97
CA VAL B 15 -1.66 27.73 -4.88
C VAL B 15 -2.47 28.02 -3.61
N GLY B 16 -2.83 26.97 -2.87
CA GLY B 16 -3.67 27.08 -1.68
C GLY B 16 -5.17 26.88 -1.95
N GLU B 17 -5.60 26.95 -3.22
CA GLU B 17 -7.00 26.77 -3.58
C GLU B 17 -7.31 25.27 -3.68
N THR B 18 -8.59 24.95 -3.62
CA THR B 18 -9.07 23.61 -3.75
C THR B 18 -9.90 23.50 -5.01
N VAL B 19 -9.61 22.51 -5.84
CA VAL B 19 -10.34 22.31 -7.09
C VAL B 19 -10.85 20.90 -7.18
N THR B 20 -11.84 20.72 -8.03
CA THR B 20 -12.41 19.43 -8.36
C THR B 20 -12.46 19.30 -9.86
N ILE B 21 -11.93 18.23 -10.39
CA ILE B 21 -12.10 17.93 -11.80
C ILE B 21 -12.88 16.62 -11.93
N THR B 22 -13.64 16.46 -13.01
CA THR B 22 -14.53 15.32 -13.15
C THR B 22 -14.24 14.47 -14.37
N CYS B 23 -14.74 13.24 -14.28
CA CYS B 23 -14.60 12.24 -15.32
C CYS B 23 -15.89 11.43 -15.40
N ARG B 24 -16.40 11.31 -16.61
CA ARG B 24 -17.62 10.60 -16.87
C ARG B 24 -17.32 9.40 -17.76
N ALA B 25 -17.84 8.23 -17.39
CA ALA B 25 -17.80 7.04 -18.23
C ALA B 25 -19.13 6.89 -18.96
N SER B 26 -19.09 6.51 -20.23
CA SER B 26 -20.28 6.34 -21.06
C SER B 26 -21.12 5.11 -20.65
N GLU B 27 -20.48 4.18 -19.96
CA GLU B 27 -21.17 3.05 -19.34
C GLU B 27 -20.52 2.68 -18.01
N ASN B 28 -21.25 1.93 -17.21
CA ASN B 28 -20.83 1.62 -15.87
C ASN B 28 -19.45 0.94 -15.80
N ILE B 29 -18.54 1.51 -15.01
CA ILE B 29 -17.23 0.93 -14.76
C ILE B 29 -17.00 0.63 -13.28
N TYR B 30 -18.07 0.66 -12.49
CA TYR B 30 -17.99 0.47 -11.03
C TYR B 30 -17.06 1.53 -10.43
N SER B 31 -16.10 1.14 -9.59
CA SER B 31 -15.05 2.06 -9.12
C SER B 31 -13.71 1.77 -9.79
N TYR B 32 -13.73 1.05 -10.90
CA TYR B 32 -12.49 0.76 -11.61
C TYR B 32 -12.10 1.98 -12.48
N LEU B 33 -11.60 3.01 -11.82
CA LEU B 33 -11.17 4.23 -12.49
C LEU B 33 -9.86 4.77 -11.90
N ALA B 34 -8.92 5.10 -12.77
CA ALA B 34 -7.59 5.60 -12.36
C ALA B 34 -7.40 7.04 -12.80
N TRP B 35 -6.53 7.75 -12.08
CA TRP B 35 -6.11 9.10 -12.47
C TRP B 35 -4.59 9.14 -12.62
N TYR B 36 -4.12 9.81 -13.67
CA TYR B 36 -2.70 10.03 -13.92
C TYR B 36 -2.41 11.50 -14.01
N GLN B 37 -1.23 11.90 -13.57
CA GLN B 37 -0.75 13.27 -13.72
C GLN B 37 0.35 13.26 -14.75
N GLN B 38 0.38 14.26 -15.61
CA GLN B 38 1.51 14.44 -16.53
C GLN B 38 1.95 15.89 -16.57
N LYS B 39 3.21 16.10 -16.20
CA LYS B 39 3.81 17.42 -16.18
C LYS B 39 4.45 17.54 -17.54
N GLN B 40 4.63 18.77 -18.03
CA GLN B 40 4.98 18.93 -19.46
C GLN B 40 6.38 18.40 -19.70
N GLY B 41 6.55 17.73 -20.84
CA GLY B 41 7.79 17.06 -21.19
C GLY B 41 8.09 15.74 -20.49
N LYS B 42 7.23 15.32 -19.57
CA LYS B 42 7.52 14.15 -18.73
C LYS B 42 6.51 13.04 -19.00
N SER B 43 6.87 11.84 -18.57
CA SER B 43 5.99 10.70 -18.67
C SER B 43 4.86 10.85 -17.64
N PRO B 44 3.67 10.33 -17.94
CA PRO B 44 2.62 10.25 -16.93
C PRO B 44 3.02 9.49 -15.67
N GLN B 45 2.34 9.81 -14.57
CA GLN B 45 2.50 9.13 -13.30
C GLN B 45 1.11 8.80 -12.76
N LEU B 46 1.00 7.64 -12.12
CA LEU B 46 -0.27 7.19 -11.52
C LEU B 46 -0.50 7.88 -10.18
N LEU B 47 -1.71 8.42 -9.97
CA LEU B 47 -2.08 9.09 -8.71
C LEU B 47 -3.08 8.31 -7.91
N VAL B 48 -4.07 7.74 -8.60
CA VAL B 48 -5.24 7.12 -7.99
C VAL B 48 -5.72 5.89 -8.79
N TYR B 49 -6.15 4.84 -8.09
CA TYR B 49 -6.81 3.72 -8.77
C TYR B 49 -8.00 3.25 -7.94
N ASN B 50 -8.87 2.44 -8.53
CA ASN B 50 -10.10 2.03 -7.84
C ASN B 50 -10.86 3.27 -7.34
N ALA B 51 -10.75 4.35 -8.12
CA ALA B 51 -11.49 5.59 -7.91
C ALA B 51 -11.02 6.47 -6.75
N LYS B 52 -10.65 5.85 -5.62
CA LYS B 52 -10.33 6.57 -4.39
C LYS B 52 -9.01 6.14 -3.73
N THR B 53 -8.31 5.20 -4.31
CA THR B 53 -7.09 4.68 -3.69
C THR B 53 -5.86 5.39 -4.27
N LEU B 54 -5.12 6.06 -3.39
CA LEU B 54 -3.89 6.75 -3.77
C LEU B 54 -2.77 5.75 -4.05
N ALA B 55 -1.99 6.02 -5.08
CA ALA B 55 -0.80 5.23 -5.36
C ALA B 55 0.25 5.64 -4.36
N GLU B 56 1.28 4.82 -4.25
CA GLU B 56 2.39 5.03 -3.33
C GLU B 56 3.02 6.40 -3.52
N GLY B 57 3.27 7.09 -2.41
CA GLY B 57 3.93 8.38 -2.43
C GLY B 57 3.10 9.58 -2.86
N VAL B 58 1.82 9.38 -3.20
CA VAL B 58 0.94 10.47 -3.61
C VAL B 58 0.48 11.19 -2.33
N PRO B 59 0.61 12.51 -2.24
CA PRO B 59 0.18 13.22 -1.04
C PRO B 59 -1.33 13.13 -0.78
N SER B 60 -1.72 13.24 0.49
CA SER B 60 -3.10 13.00 0.92
C SER B 60 -4.07 14.15 0.60
N ARG B 61 -3.54 15.24 0.04
CA ARG B 61 -4.39 16.33 -0.41
C ARG B 61 -5.12 15.93 -1.68
N PHE B 62 -4.62 14.89 -2.35
CA PHE B 62 -5.36 14.29 -3.46
C PHE B 62 -6.40 13.32 -2.91
N SER B 63 -7.61 13.40 -3.44
CA SER B 63 -8.67 12.48 -3.07
C SER B 63 -9.57 12.24 -4.26
N GLY B 64 -9.76 10.98 -4.62
CA GLY B 64 -10.70 10.62 -5.66
C GLY B 64 -11.97 10.07 -5.04
N SER B 65 -13.09 10.25 -5.73
CA SER B 65 -14.36 9.68 -5.29
C SER B 65 -15.20 9.31 -6.51
N GLY B 66 -16.34 8.69 -6.27
CA GLY B 66 -17.29 8.35 -7.31
C GLY B 66 -17.35 6.86 -7.62
N SER B 67 -18.48 6.45 -8.19
CA SER B 67 -18.70 5.09 -8.68
C SER B 67 -19.68 5.14 -9.85
N GLY B 68 -19.80 4.02 -10.57
CA GLY B 68 -20.76 3.92 -11.67
C GLY B 68 -20.24 4.61 -12.92
N THR B 69 -20.75 5.80 -13.19
CA THR B 69 -20.36 6.57 -14.37
C THR B 69 -19.79 7.96 -14.05
N GLN B 70 -19.79 8.36 -12.79
CA GLN B 70 -19.45 9.74 -12.43
C GLN B 70 -18.34 9.77 -11.39
N PHE B 71 -17.27 10.47 -11.70
CA PHE B 71 -16.06 10.42 -10.91
C PHE B 71 -15.46 11.81 -10.77
N SER B 72 -14.74 12.02 -9.69
CA SER B 72 -14.06 13.27 -9.51
C SER B 72 -12.74 13.12 -8.75
N LEU B 73 -11.84 14.05 -9.03
CA LEU B 73 -10.56 14.18 -8.33
C LEU B 73 -10.55 15.54 -7.67
N LYS B 74 -10.40 15.54 -6.35
CA LYS B 74 -10.29 16.76 -5.58
C LYS B 74 -8.84 16.91 -5.15
N ILE B 75 -8.32 18.11 -5.34
CA ILE B 75 -7.01 18.45 -4.86
C ILE B 75 -7.18 19.56 -3.85
N ASN B 76 -6.98 19.21 -2.60
CA ASN B 76 -7.08 20.15 -1.49
C ASN B 76 -5.81 20.97 -1.40
N SER B 77 -5.96 22.29 -1.38
CA SER B 77 -4.86 23.19 -1.10
C SER B 77 -3.70 22.91 -2.04
N LEU B 78 -3.95 23.22 -3.32
CA LEU B 78 -2.98 23.03 -4.38
C LEU B 78 -1.62 23.56 -4.03
N GLN B 79 -0.62 22.87 -4.55
CA GLN B 79 0.77 23.21 -4.33
C GLN B 79 1.41 23.43 -5.71
N PRO B 80 2.54 24.13 -5.79
CA PRO B 80 3.13 24.43 -7.09
C PRO B 80 3.31 23.20 -7.99
N GLU B 81 3.70 22.07 -7.41
CA GLU B 81 3.99 20.82 -8.14
C GLU B 81 2.73 20.12 -8.70
N ASP B 82 1.54 20.65 -8.46
CA ASP B 82 0.30 20.00 -8.86
C ASP B 82 -0.19 20.44 -10.22
N PHE B 83 0.40 21.50 -10.73
CA PHE B 83 -0.04 22.06 -11.98
C PHE B 83 0.56 21.27 -13.11
N GLY B 84 -0.30 20.97 -14.10
CA GLY B 84 0.05 20.11 -15.21
C GLY B 84 -1.25 19.54 -15.72
N SER B 85 -1.20 18.42 -16.43
CA SER B 85 -2.41 17.79 -16.96
C SER B 85 -2.82 16.56 -16.17
N TYR B 86 -4.11 16.27 -16.20
CA TYR B 86 -4.68 15.15 -15.45
C TYR B 86 -5.54 14.31 -16.38
N TYR B 87 -5.36 13.00 -16.33
CA TYR B 87 -6.07 12.06 -17.19
C TYR B 87 -6.77 11.05 -16.34
N CYS B 88 -8.02 10.74 -16.68
CA CYS B 88 -8.69 9.60 -16.07
C CYS B 88 -8.61 8.47 -17.08
N GLN B 89 -8.73 7.24 -16.57
CA GLN B 89 -8.68 6.03 -17.37
C GLN B 89 -9.45 4.93 -16.66
N HIS B 90 -10.46 4.36 -17.30
CA HIS B 90 -11.15 3.24 -16.67
C HIS B 90 -10.15 2.07 -16.70
N HIS B 91 -10.27 1.15 -15.74
CA HIS B 91 -9.57 -0.12 -15.76
C HIS B 91 -10.53 -1.29 -15.49
N TYR B 92 -11.71 -1.19 -16.11
CA TYR B 92 -12.68 -2.26 -16.12
C TYR B 92 -12.49 -3.08 -17.41
N GLY B 93 -11.62 -4.08 -17.33
CA GLY B 93 -11.28 -4.90 -18.48
C GLY B 93 -10.62 -4.11 -19.59
N THR B 94 -10.65 -4.66 -20.80
CA THR B 94 -10.05 -4.04 -21.98
C THR B 94 -11.11 -3.86 -23.06
N PRO B 95 -10.96 -2.90 -23.96
CA PRO B 95 -9.79 -2.01 -24.02
C PRO B 95 -9.75 -0.92 -22.94
N LEU B 96 -8.57 -0.49 -22.51
CA LEU B 96 -8.45 0.66 -21.63
C LEU B 96 -8.68 1.93 -22.47
N THR B 97 -9.41 2.91 -21.92
CA THR B 97 -9.51 4.24 -22.54
C THR B 97 -9.33 5.34 -21.52
N PHE B 98 -8.78 6.45 -22.02
CA PHE B 98 -8.49 7.63 -21.24
C PHE B 98 -9.46 8.74 -21.61
N GLY B 99 -9.77 9.61 -20.64
CA GLY B 99 -10.36 10.90 -20.94
C GLY B 99 -9.38 11.73 -21.73
N ALA B 100 -9.86 12.82 -22.31
CA ALA B 100 -9.00 13.64 -23.17
C ALA B 100 -8.09 14.58 -22.36
N GLY B 101 -8.29 14.61 -21.04
CA GLY B 101 -7.41 15.37 -20.14
C GLY B 101 -8.00 16.69 -19.65
N THR B 102 -7.49 17.11 -18.50
CA THR B 102 -7.78 18.42 -17.91
C THR B 102 -6.45 19.07 -17.67
N LYS B 103 -6.27 20.24 -18.25
CA LYS B 103 -5.05 21.00 -18.07
C LYS B 103 -5.25 21.99 -16.91
N LEU B 104 -4.45 21.83 -15.86
CA LEU B 104 -4.55 22.67 -14.66
C LEU B 104 -3.42 23.67 -14.65
N GLU B 105 -3.76 24.95 -14.78
CA GLU B 105 -2.76 26.01 -14.89
C GLU B 105 -2.91 27.01 -13.76
N LEU B 106 -1.82 27.71 -13.51
CA LEU B 106 -1.74 28.68 -12.43
C LEU B 106 -2.40 29.99 -12.80
N LYS B 107 -3.14 30.53 -11.84
CA LYS B 107 -3.76 31.82 -11.96
C LYS B 107 -2.72 32.85 -11.55
N ARG B 108 -2.68 33.97 -12.26
CA ARG B 108 -1.96 35.15 -11.80
C ARG B 108 -2.70 36.39 -12.32
N ALA B 109 -2.20 37.56 -11.97
CA ALA B 109 -2.78 38.80 -12.50
C ALA B 109 -2.35 39.01 -13.94
N ASP B 110 -3.14 39.77 -14.68
CA ASP B 110 -2.87 40.08 -16.07
C ASP B 110 -1.53 40.80 -16.16
N ALA B 111 -0.78 40.51 -17.20
CA ALA B 111 0.53 41.11 -17.45
C ALA B 111 0.68 41.33 -18.95
N ALA B 112 1.03 42.54 -19.34
CA ALA B 112 1.30 42.87 -20.73
C ALA B 112 2.63 42.27 -21.17
N PRO B 113 2.75 41.92 -22.44
CA PRO B 113 3.99 41.37 -22.96
C PRO B 113 5.11 42.41 -23.07
N THR B 114 6.33 41.93 -22.91
CA THR B 114 7.53 42.65 -23.28
C THR B 114 7.87 42.26 -24.72
N VAL B 115 7.75 43.22 -25.63
CA VAL B 115 7.87 42.95 -27.06
C VAL B 115 9.21 43.44 -27.58
N SER B 116 9.90 42.56 -28.29
CA SER B 116 11.14 42.88 -28.96
C SER B 116 11.03 42.51 -30.42
N ILE B 117 11.50 43.37 -31.30
CA ILE B 117 11.50 43.10 -32.72
C ILE B 117 12.96 43.08 -33.25
N PHE B 118 13.20 42.20 -34.21
CA PHE B 118 14.51 41.94 -34.75
C PHE B 118 14.39 41.90 -36.26
N PRO B 119 15.10 42.79 -36.94
CA PRO B 119 15.21 42.70 -38.38
C PRO B 119 16.00 41.43 -38.74
N PRO B 120 15.92 40.98 -39.99
CA PRO B 120 16.74 39.85 -40.44
C PRO B 120 18.21 40.12 -40.17
N SER B 121 18.96 39.11 -39.74
CA SER B 121 20.41 39.23 -39.66
C SER B 121 20.99 39.47 -41.05
N SER B 122 22.03 40.28 -41.13
CA SER B 122 22.77 40.49 -42.38
C SER B 122 23.23 39.17 -42.93
N GLU B 123 23.49 38.23 -42.04
CA GLU B 123 23.90 36.90 -42.42
C GLU B 123 22.85 36.15 -43.21
N GLN B 124 21.61 36.13 -42.71
CA GLN B 124 20.53 35.44 -43.41
C GLN B 124 20.27 36.07 -44.76
N LEU B 125 20.35 37.40 -44.81
CA LEU B 125 20.13 38.13 -46.05
C LEU B 125 21.11 37.66 -47.15
N THR B 126 22.32 37.23 -46.80
CA THR B 126 23.21 36.65 -47.82
C THR B 126 22.67 35.35 -48.46
N SER B 127 21.84 34.60 -47.74
CA SER B 127 21.25 33.34 -48.23
C SER B 127 19.98 33.49 -49.12
N GLY B 128 19.44 34.68 -49.27
CA GLY B 128 18.21 34.87 -50.04
C GLY B 128 16.91 34.94 -49.23
N GLY B 129 17.00 34.69 -47.93
CA GLY B 129 15.87 34.74 -47.00
C GLY B 129 15.98 35.94 -46.07
N ALA B 130 14.83 36.34 -45.55
CA ALA B 130 14.75 37.43 -44.62
C ALA B 130 13.64 37.11 -43.60
N SER B 131 14.00 36.82 -42.36
CA SER B 131 13.02 36.53 -41.33
C SER B 131 12.99 37.68 -40.35
N VAL B 132 11.81 38.19 -40.04
CA VAL B 132 11.71 39.24 -39.05
C VAL B 132 11.11 38.59 -37.84
N VAL B 133 11.76 38.76 -36.69
CA VAL B 133 11.34 38.09 -35.48
C VAL B 133 10.79 39.07 -34.43
N CYS B 134 9.73 38.62 -33.78
CA CYS B 134 9.09 39.31 -32.70
C CYS B 134 8.92 38.36 -31.50
N PHE B 135 9.52 38.70 -30.37
CA PHE B 135 9.22 38.04 -29.10
C PHE B 135 8.22 38.84 -28.30
N LEU B 136 7.21 38.16 -27.78
CA LEU B 136 6.23 38.72 -26.88
C LEU B 136 6.34 37.92 -25.58
N ASN B 137 7.11 38.45 -24.62
CA ASN B 137 7.51 37.65 -23.48
C ASN B 137 6.79 38.00 -22.17
N ASN B 138 6.52 36.94 -21.41
CA ASN B 138 6.06 37.02 -20.02
C ASN B 138 4.78 37.85 -19.85
N PHE B 139 3.74 37.40 -20.56
CA PHE B 139 2.40 37.96 -20.47
C PHE B 139 1.38 36.94 -19.87
N TYR B 140 0.23 37.46 -19.48
CA TYR B 140 -0.87 36.67 -18.95
C TYR B 140 -2.15 37.49 -19.15
N PRO B 141 -3.26 36.89 -19.59
CA PRO B 141 -3.42 35.46 -19.91
C PRO B 141 -2.82 35.05 -21.24
N LYS B 142 -2.91 33.76 -21.61
CA LYS B 142 -2.25 33.20 -22.78
C LYS B 142 -2.79 33.70 -24.11
N ASP B 143 -4.04 34.15 -24.12
CA ASP B 143 -4.71 34.64 -25.32
C ASP B 143 -4.09 35.98 -25.78
N ILE B 144 -3.60 35.99 -27.00
CA ILE B 144 -2.99 37.16 -27.58
C ILE B 144 -3.10 37.10 -29.11
N ASN B 145 -3.12 38.25 -29.76
CA ASN B 145 -3.19 38.35 -31.22
C ASN B 145 -2.02 39.15 -31.76
N VAL B 146 -1.28 38.56 -32.69
CA VAL B 146 -0.17 39.24 -33.34
C VAL B 146 -0.48 39.49 -34.79
N LYS B 147 -0.15 40.69 -35.25
CA LYS B 147 -0.31 41.08 -36.63
C LYS B 147 1.01 41.66 -37.10
N TRP B 148 1.42 41.25 -38.29
CA TRP B 148 2.55 41.87 -38.98
C TRP B 148 2.04 42.80 -40.03
N LYS B 149 2.68 43.94 -40.14
CA LYS B 149 2.31 44.90 -41.16
C LYS B 149 3.57 45.41 -41.83
N ILE B 150 3.50 45.51 -43.15
CA ILE B 150 4.59 45.99 -43.98
C ILE B 150 4.05 47.24 -44.69
N ASP B 151 4.73 48.37 -44.48
CA ASP B 151 4.26 49.66 -44.97
C ASP B 151 2.76 49.81 -44.78
N GLY B 152 2.28 49.42 -43.60
CA GLY B 152 0.88 49.56 -43.22
C GLY B 152 -0.08 48.45 -43.61
N SER B 153 0.28 47.63 -44.59
CA SER B 153 -0.55 46.51 -45.04
C SER B 153 -0.26 45.26 -44.20
N GLU B 154 -1.32 44.62 -43.70
CA GLU B 154 -1.15 43.37 -42.96
C GLU B 154 -0.64 42.27 -43.90
N ARG B 155 0.35 41.53 -43.42
CA ARG B 155 0.89 40.38 -44.11
C ARG B 155 0.51 39.13 -43.32
N GLN B 156 -0.19 38.21 -43.97
CA GLN B 156 -0.61 37.00 -43.31
C GLN B 156 0.23 35.77 -43.75
N ASN B 157 0.76 35.79 -44.97
CA ASN B 157 1.60 34.68 -45.46
C ASN B 157 2.93 34.61 -44.73
N GLY B 158 3.37 33.38 -44.48
CA GLY B 158 4.71 33.10 -43.99
C GLY B 158 4.93 33.57 -42.56
N VAL B 159 3.86 33.60 -41.75
CA VAL B 159 3.98 33.93 -40.35
C VAL B 159 4.02 32.63 -39.56
N LEU B 160 5.05 32.44 -38.74
CA LEU B 160 5.17 31.26 -37.89
C LEU B 160 5.09 31.65 -36.44
N ASN B 161 4.11 31.07 -35.73
CA ASN B 161 3.80 31.46 -34.38
C ASN B 161 4.00 30.25 -33.48
N SER B 162 4.55 30.48 -32.30
CA SER B 162 4.82 29.42 -31.34
C SER B 162 4.68 29.99 -29.93
N TRP B 163 4.04 29.25 -29.04
CA TRP B 163 3.80 29.64 -27.66
C TRP B 163 4.52 28.69 -26.72
N THR B 164 5.15 29.22 -25.68
CA THR B 164 5.69 28.36 -24.63
C THR B 164 4.57 27.85 -23.75
N ASP B 165 4.86 26.80 -23.01
CA ASP B 165 4.05 26.43 -21.89
C ASP B 165 4.24 27.47 -20.79
N GLN B 166 3.29 27.48 -19.87
CA GLN B 166 3.35 28.33 -18.71
C GLN B 166 4.68 28.20 -17.98
N ASP B 167 5.30 29.34 -17.73
CA ASP B 167 6.52 29.48 -16.95
C ASP B 167 6.22 29.15 -15.49
N SER B 168 6.98 28.23 -14.94
CA SER B 168 6.75 27.78 -13.58
C SER B 168 7.22 28.77 -12.53
N LYS B 169 8.04 29.75 -12.91
CA LYS B 169 8.56 30.70 -11.90
C LYS B 169 7.62 31.87 -11.71
N ASP B 170 6.98 32.31 -12.79
CA ASP B 170 6.14 33.50 -12.76
C ASP B 170 4.73 33.36 -13.35
N SER B 171 4.36 32.17 -13.79
CA SER B 171 3.00 31.87 -14.26
C SER B 171 2.59 32.57 -15.56
N THR B 172 3.56 33.07 -16.33
CA THR B 172 3.27 33.82 -17.59
C THR B 172 3.48 32.92 -18.79
N TYR B 173 3.14 33.45 -19.95
CA TYR B 173 3.32 32.78 -21.24
C TYR B 173 4.19 33.65 -22.12
N SER B 174 4.84 33.03 -23.10
CA SER B 174 5.58 33.79 -24.08
C SER B 174 5.23 33.30 -25.48
N MET B 175 5.44 34.16 -26.46
CA MET B 175 5.14 33.85 -27.83
C MET B 175 6.23 34.40 -28.72
N SER B 176 6.56 33.64 -29.74
CA SER B 176 7.50 34.06 -30.77
C SER B 176 6.72 34.05 -32.08
N SER B 177 6.82 35.15 -32.81
CA SER B 177 6.22 35.25 -34.12
C SER B 177 7.30 35.61 -35.10
N THR B 178 7.44 34.82 -36.16
CA THR B 178 8.47 35.02 -37.15
C THR B 178 7.80 35.26 -38.51
N LEU B 179 8.05 36.41 -39.11
CA LEU B 179 7.56 36.70 -40.45
C LEU B 179 8.65 36.40 -41.47
N THR B 180 8.43 35.38 -42.30
CA THR B 180 9.44 34.99 -43.31
C THR B 180 9.14 35.54 -44.70
N LEU B 181 10.13 36.23 -45.24
CA LEU B 181 10.06 36.85 -46.56
C LEU B 181 11.26 36.38 -47.37
N THR B 182 11.24 36.52 -48.69
CA THR B 182 12.48 36.49 -49.44
C THR B 182 13.19 37.81 -49.24
N LYS B 183 14.51 37.76 -49.37
CA LYS B 183 15.35 38.92 -49.29
C LYS B 183 14.89 40.01 -50.25
N ASP B 184 14.66 39.71 -51.53
CA ASP B 184 14.32 40.80 -52.45
C ASP B 184 12.92 41.41 -52.17
N GLU B 185 12.00 40.67 -51.59
CA GLU B 185 10.71 41.26 -51.14
C GLU B 185 11.00 42.18 -49.96
N TYR B 186 11.83 41.70 -49.02
CA TYR B 186 12.22 42.49 -47.85
C TYR B 186 12.86 43.83 -48.24
N GLU B 187 13.69 43.83 -49.29
CA GLU B 187 14.35 45.08 -49.73
C GLU B 187 13.39 46.03 -50.48
N ARG B 188 12.18 45.61 -50.81
CA ARG B 188 11.16 46.47 -51.46
C ARG B 188 10.33 47.35 -50.51
N HIS B 189 10.46 47.16 -49.20
CA HIS B 189 9.63 47.89 -48.25
C HIS B 189 10.48 48.47 -47.14
N ASN B 190 9.98 49.50 -46.48
CA ASN B 190 10.76 50.15 -45.43
C ASN B 190 10.29 49.84 -44.04
N SER B 191 8.99 49.98 -43.78
CA SER B 191 8.50 49.93 -42.40
C SER B 191 7.93 48.54 -42.09
N TYR B 192 8.47 47.94 -41.04
CA TYR B 192 8.06 46.61 -40.58
C TYR B 192 7.52 46.79 -39.18
N THR B 193 6.34 46.22 -38.92
CA THR B 193 5.72 46.31 -37.59
C THR B 193 5.14 45.01 -37.12
N CYS B 194 5.39 44.75 -35.85
CA CYS B 194 4.78 43.66 -35.13
C CYS B 194 3.82 44.27 -34.10
N GLU B 195 2.57 43.84 -34.11
CA GLU B 195 1.53 44.51 -33.36
C GLU B 195 0.77 43.48 -32.53
N ALA B 196 0.81 43.65 -31.20
CA ALA B 196 0.23 42.71 -30.26
C ALA B 196 -1.04 43.26 -29.58
N THR B 197 -2.16 42.58 -29.78
CA THR B 197 -3.39 42.91 -29.12
C THR B 197 -3.58 41.93 -27.96
N HIS B 198 -3.79 42.50 -26.78
CA HIS B 198 -3.84 41.75 -25.53
C HIS B 198 -4.81 42.44 -24.58
N LYS B 199 -5.38 41.64 -23.68
CA LYS B 199 -6.38 42.05 -22.69
C LYS B 199 -5.97 43.26 -21.82
N THR B 200 -4.66 43.42 -21.60
CA THR B 200 -4.10 44.42 -20.70
C THR B 200 -4.06 45.84 -21.25
N SER B 201 -4.42 46.00 -22.52
CA SER B 201 -4.38 47.29 -23.16
C SER B 201 -5.53 47.42 -24.15
N THR B 202 -6.18 48.57 -24.11
CA THR B 202 -7.15 48.99 -25.12
C THR B 202 -6.45 49.06 -26.46
N SER B 203 -5.22 49.54 -26.41
CA SER B 203 -4.45 49.81 -27.60
C SER B 203 -3.37 48.74 -27.77
N PRO B 204 -3.18 48.25 -28.99
CA PRO B 204 -2.10 47.31 -29.28
C PRO B 204 -0.71 47.78 -28.79
N ILE B 205 0.16 46.84 -28.40
CA ILE B 205 1.58 47.16 -28.24
C ILE B 205 2.20 47.06 -29.61
N VAL B 206 3.01 48.04 -30.00
CA VAL B 206 3.60 48.05 -31.33
C VAL B 206 5.12 48.23 -31.24
N LYS B 207 5.81 47.35 -31.96
CA LYS B 207 7.23 47.48 -32.22
C LYS B 207 7.43 47.54 -33.71
N SER B 208 8.18 48.55 -34.13
CA SER B 208 8.46 48.83 -35.53
C SER B 208 9.94 49.17 -35.74
N PHE B 209 10.41 48.96 -36.97
CA PHE B 209 11.69 49.49 -37.41
C PHE B 209 11.60 49.84 -38.90
N ASN B 210 12.46 50.73 -39.32
CA ASN B 210 12.63 51.03 -40.72
C ASN B 210 13.90 50.35 -41.20
N ARG B 211 13.80 49.70 -42.35
CA ARG B 211 14.87 48.89 -42.93
C ARG B 211 16.18 49.66 -43.11
N ASN B 212 16.11 50.87 -43.64
CA ASN B 212 17.35 51.63 -43.89
C ASN B 212 17.82 52.55 -42.74
N GLU B 213 17.52 52.20 -41.49
CA GLU B 213 17.90 53.05 -40.34
C GLU B 213 19.07 52.48 -39.53
N GLN C 1 15.93 -0.60 -8.87
CA GLN C 1 14.56 -0.05 -9.12
C GLN C 1 14.03 -0.42 -10.52
N VAL C 2 12.72 -0.27 -10.72
CA VAL C 2 12.10 -0.56 -12.00
C VAL C 2 12.49 0.52 -13.02
N LYS C 3 13.07 0.09 -14.14
CA LYS C 3 13.50 0.95 -15.24
C LYS C 3 12.92 0.40 -16.54
N LEU C 4 12.53 1.28 -17.44
CA LEU C 4 12.12 0.91 -18.79
C LEU C 4 12.91 1.74 -19.82
N LEU C 5 13.83 1.10 -20.53
CA LEU C 5 14.70 1.80 -21.47
C LEU C 5 14.11 1.69 -22.86
N GLU C 6 13.71 2.83 -23.43
CA GLU C 6 13.13 2.81 -24.76
C GLU C 6 14.10 3.26 -25.85
N SER C 7 13.93 2.71 -27.05
CA SER C 7 14.82 3.03 -28.16
C SER C 7 14.59 4.50 -28.59
N GLY C 8 15.57 5.05 -29.30
CA GLY C 8 15.62 6.49 -29.56
C GLY C 8 14.66 6.94 -30.68
N PRO C 9 14.60 8.25 -30.96
CA PRO C 9 13.77 8.77 -32.04
C PRO C 9 13.95 8.11 -33.41
N GLU C 10 12.83 7.99 -34.11
CA GLU C 10 12.78 7.35 -35.41
C GLU C 10 12.11 8.29 -36.41
N LEU C 11 12.76 8.44 -37.55
CA LEU C 11 12.19 9.07 -38.71
C LEU C 11 11.99 7.97 -39.75
N VAL C 12 10.76 7.78 -40.20
CA VAL C 12 10.45 6.74 -41.20
C VAL C 12 9.49 7.25 -42.25
N LYS C 13 9.62 6.74 -43.46
CA LYS C 13 8.79 7.18 -44.58
C LYS C 13 7.35 6.62 -44.47
N PRO C 14 6.38 7.29 -45.07
CA PRO C 14 5.02 6.72 -45.18
C PRO C 14 5.05 5.36 -45.88
N GLY C 15 4.34 4.36 -45.34
CA GLY C 15 4.26 3.03 -45.96
C GLY C 15 5.27 2.04 -45.37
N ALA C 16 6.30 2.55 -44.70
CA ALA C 16 7.28 1.69 -44.06
C ALA C 16 6.78 1.16 -42.70
N SER C 17 7.60 0.34 -42.07
CA SER C 17 7.36 -0.13 -40.72
C SER C 17 8.47 0.37 -39.82
N VAL C 18 8.16 0.43 -38.54
CA VAL C 18 9.10 0.79 -37.51
C VAL C 18 8.90 -0.20 -36.34
N LYS C 19 10.00 -0.58 -35.72
CA LYS C 19 9.99 -1.48 -34.58
C LYS C 19 10.80 -0.81 -33.48
N MET C 20 10.22 -0.72 -32.29
CA MET C 20 10.84 -0.03 -31.18
C MET C 20 10.92 -1.01 -30.02
N SER C 21 11.88 -0.78 -29.12
CA SER C 21 12.18 -1.68 -28.03
C SER C 21 12.01 -1.00 -26.67
N CYS C 22 11.85 -1.82 -25.64
CA CYS C 22 11.61 -1.42 -24.27
C CYS C 22 12.24 -2.51 -23.41
N LYS C 23 13.44 -2.24 -22.92
CA LYS C 23 14.19 -3.18 -22.12
C LYS C 23 13.90 -2.87 -20.65
N ALA C 24 13.44 -3.89 -19.94
CA ALA C 24 13.00 -3.74 -18.58
C ALA C 24 14.07 -4.28 -17.64
N SER C 25 14.18 -3.67 -16.48
CA SER C 25 15.01 -4.20 -15.40
C SER C 25 14.38 -3.83 -14.05
N GLY C 26 14.88 -4.45 -12.98
CA GLY C 26 14.46 -4.10 -11.62
C GLY C 26 13.21 -4.80 -11.14
N TYR C 27 12.69 -5.72 -11.94
CA TYR C 27 11.58 -6.58 -11.53
C TYR C 27 11.59 -7.90 -12.31
N THR C 28 10.71 -8.83 -11.95
CA THR C 28 10.63 -10.09 -12.69
C THR C 28 9.82 -9.85 -13.97
N PHE C 29 10.56 -9.76 -15.08
CA PHE C 29 10.01 -9.43 -16.40
C PHE C 29 8.73 -10.15 -16.72
N THR C 30 8.72 -11.46 -16.50
CA THR C 30 7.57 -12.29 -16.84
C THR C 30 6.37 -12.20 -15.90
N SER C 31 6.50 -11.50 -14.77
CA SER C 31 5.39 -11.39 -13.80
C SER C 31 4.41 -10.24 -14.05
N TYR C 32 4.75 -9.32 -14.95
CA TYR C 32 3.87 -8.18 -15.28
C TYR C 32 3.71 -8.03 -16.78
N VAL C 33 2.50 -7.67 -17.24
CA VAL C 33 2.29 -7.39 -18.67
C VAL C 33 2.90 -6.04 -19.05
N MET C 34 3.27 -5.88 -20.32
CA MET C 34 3.76 -4.63 -20.83
C MET C 34 2.72 -4.03 -21.77
N HIS C 35 2.12 -2.93 -21.34
CA HIS C 35 1.26 -2.11 -22.16
C HIS C 35 2.08 -1.19 -23.07
N TRP C 36 1.43 -0.74 -24.14
CA TRP C 36 1.95 0.32 -24.97
C TRP C 36 0.88 1.38 -25.16
N VAL C 37 1.32 2.63 -25.10
CA VAL C 37 0.41 3.73 -25.14
C VAL C 37 0.95 4.77 -26.12
N LYS C 38 0.04 5.34 -26.91
CA LYS C 38 0.34 6.39 -27.89
C LYS C 38 -0.07 7.77 -27.35
N GLN C 39 0.77 8.77 -27.62
CA GLN C 39 0.46 10.16 -27.32
C GLN C 39 0.94 11.05 -28.46
N LYS C 40 -0.01 11.59 -29.21
CA LYS C 40 0.30 12.57 -30.26
C LYS C 40 0.73 13.90 -29.61
N PRO C 41 1.62 14.67 -30.24
CA PRO C 41 2.09 15.93 -29.65
C PRO C 41 0.97 16.92 -29.32
N GLY C 42 0.94 17.35 -28.06
CA GLY C 42 -0.04 18.29 -27.53
C GLY C 42 -1.44 17.69 -27.38
N GLN C 43 -1.51 16.36 -27.31
CA GLN C 43 -2.78 15.62 -27.30
C GLN C 43 -2.79 14.46 -26.28
N GLY C 44 -3.95 13.79 -26.14
CA GLY C 44 -4.19 12.82 -25.09
C GLY C 44 -3.57 11.45 -25.28
N LEU C 45 -4.07 10.47 -24.53
CA LEU C 45 -3.43 9.16 -24.42
C LEU C 45 -4.33 8.10 -24.98
N GLU C 46 -3.72 7.19 -25.72
CA GLU C 46 -4.45 6.14 -26.37
C GLU C 46 -3.74 4.80 -26.12
N TRP C 47 -4.51 3.85 -25.62
CA TRP C 47 -4.00 2.52 -25.31
C TRP C 47 -3.93 1.66 -26.57
N ILE C 48 -2.79 1.03 -26.81
CA ILE C 48 -2.59 0.24 -28.02
C ILE C 48 -2.86 -1.23 -27.75
N GLY C 49 -2.30 -1.73 -26.67
CA GLY C 49 -2.44 -3.12 -26.32
C GLY C 49 -1.41 -3.55 -25.30
N TYR C 50 -1.41 -4.83 -24.94
CA TYR C 50 -0.35 -5.37 -24.09
C TYR C 50 0.10 -6.75 -24.52
N ILE C 51 1.31 -7.09 -24.10
CA ILE C 51 1.83 -8.44 -24.18
C ILE C 51 2.11 -8.95 -22.78
N ASN C 52 1.82 -10.23 -22.57
CA ASN C 52 2.20 -10.95 -21.37
C ASN C 52 3.46 -11.73 -21.71
N PRO C 53 4.61 -11.29 -21.19
CA PRO C 53 5.87 -11.99 -21.48
C PRO C 53 5.94 -13.42 -20.95
N TYR C 54 5.20 -13.75 -19.89
CA TYR C 54 5.10 -15.13 -19.39
C TYR C 54 4.76 -16.14 -20.49
N ASN C 55 3.76 -15.81 -21.33
CA ASN C 55 3.21 -16.76 -22.32
C ASN C 55 3.00 -16.20 -23.74
N ASP C 56 3.68 -15.08 -24.02
CA ASP C 56 3.58 -14.38 -25.30
C ASP C 56 2.17 -14.06 -25.79
N GLY C 57 1.21 -13.97 -24.88
CA GLY C 57 -0.18 -13.66 -25.22
C GLY C 57 -0.37 -12.15 -25.37
N THR C 58 -1.28 -11.75 -26.25
CA THR C 58 -1.53 -10.32 -26.51
C THR C 58 -3.00 -9.97 -26.46
N LYS C 59 -3.28 -8.74 -26.06
CA LYS C 59 -4.61 -8.16 -26.19
C LYS C 59 -4.43 -6.81 -26.85
N TYR C 60 -5.23 -6.52 -27.86
CA TYR C 60 -5.11 -5.24 -28.55
C TYR C 60 -6.40 -4.45 -28.47
N ASN C 61 -6.25 -3.13 -28.38
CA ASN C 61 -7.25 -2.22 -28.88
C ASN C 61 -7.54 -2.62 -30.34
N GLU C 62 -8.83 -2.82 -30.65
CA GLU C 62 -9.30 -3.20 -31.99
C GLU C 62 -8.75 -2.29 -33.09
N LYS C 63 -8.61 -1.01 -32.79
CA LYS C 63 -8.08 -0.03 -33.74
C LYS C 63 -6.64 -0.33 -34.13
N PHE C 64 -5.89 -1.02 -33.29
CA PHE C 64 -4.51 -1.34 -33.59
C PHE C 64 -4.28 -2.79 -33.98
N LYS C 65 -5.31 -3.63 -33.90
CA LYS C 65 -5.17 -5.03 -34.34
C LYS C 65 -5.08 -5.06 -35.88
N GLY C 66 -3.92 -5.51 -36.37
CA GLY C 66 -3.61 -5.52 -37.79
C GLY C 66 -2.56 -4.49 -38.19
N LYS C 67 -2.28 -3.57 -37.27
CA LYS C 67 -1.39 -2.42 -37.46
C LYS C 67 -0.16 -2.51 -36.54
N ALA C 68 -0.39 -2.77 -35.25
CA ALA C 68 0.67 -2.93 -34.27
C ALA C 68 0.88 -4.40 -33.93
N THR C 69 2.15 -4.78 -33.80
CA THR C 69 2.52 -6.16 -33.45
C THR C 69 3.40 -6.10 -32.22
N LEU C 70 2.89 -6.65 -31.11
CA LEU C 70 3.61 -6.66 -29.84
C LEU C 70 4.32 -8.00 -29.64
N THR C 71 5.61 -7.95 -29.35
CA THR C 71 6.37 -9.16 -29.01
C THR C 71 7.25 -8.90 -27.80
N SER C 72 7.95 -9.97 -27.39
CA SER C 72 8.59 -10.06 -26.09
C SER C 72 9.68 -11.12 -26.15
N ASP C 73 10.88 -10.78 -25.65
CA ASP C 73 12.03 -11.68 -25.58
C ASP C 73 12.45 -11.80 -24.11
N LYS C 74 12.17 -12.97 -23.53
CA LYS C 74 12.41 -13.25 -22.10
C LYS C 74 13.88 -13.11 -21.72
N SER C 75 14.77 -13.57 -22.59
CA SER C 75 16.19 -13.69 -22.26
C SER C 75 16.87 -12.31 -22.19
N SER C 76 16.29 -11.35 -22.90
CA SER C 76 16.83 -10.00 -22.91
C SER C 76 15.93 -9.03 -22.16
N SER C 77 14.85 -9.54 -21.55
CA SER C 77 13.88 -8.72 -20.80
C SER C 77 13.40 -7.52 -21.60
N THR C 78 13.16 -7.74 -22.89
CA THR C 78 12.78 -6.70 -23.82
C THR C 78 11.44 -6.96 -24.51
N ALA C 79 10.57 -5.95 -24.44
CA ALA C 79 9.31 -5.92 -25.15
C ALA C 79 9.54 -5.08 -26.40
N TYR C 80 8.90 -5.48 -27.49
CA TYR C 80 8.95 -4.71 -28.73
C TYR C 80 7.55 -4.39 -29.25
N MET C 81 7.48 -3.28 -29.98
CA MET C 81 6.30 -2.93 -30.76
C MET C 81 6.72 -2.60 -32.17
N GLU C 82 6.04 -3.18 -33.13
CA GLU C 82 6.20 -2.83 -34.52
C GLU C 82 4.88 -2.27 -35.03
N LEU C 83 4.96 -1.18 -35.79
CA LEU C 83 3.85 -0.54 -36.46
C LEU C 83 4.12 -0.55 -37.96
N SER C 84 3.16 -0.98 -38.77
CA SER C 84 3.34 -1.07 -40.22
C SER C 84 2.44 -0.09 -40.96
N SER C 85 2.70 0.08 -42.25
CA SER C 85 1.95 0.97 -43.15
C SER C 85 1.78 2.35 -42.52
N LEU C 86 2.92 2.89 -42.09
CA LEU C 86 2.93 4.13 -41.34
C LEU C 86 2.37 5.29 -42.16
N THR C 87 1.54 6.09 -41.52
CA THR C 87 1.07 7.37 -42.06
C THR C 87 1.42 8.48 -41.08
N SER C 88 1.13 9.72 -41.46
CA SER C 88 1.39 10.89 -40.61
C SER C 88 0.58 10.83 -39.33
N GLU C 89 -0.56 10.13 -39.34
CA GLU C 89 -1.33 9.85 -38.12
C GLU C 89 -0.58 9.03 -37.05
N ASP C 90 0.47 8.32 -37.45
CA ASP C 90 1.30 7.52 -36.53
C ASP C 90 2.48 8.29 -35.94
N SER C 91 2.67 9.53 -36.40
CA SER C 91 3.61 10.44 -35.76
C SER C 91 3.16 10.76 -34.33
N ALA C 92 3.95 10.30 -33.37
CA ALA C 92 3.61 10.44 -31.97
C ALA C 92 4.73 9.89 -31.12
N VAL C 93 4.57 10.07 -29.82
CA VAL C 93 5.38 9.41 -28.83
C VAL C 93 4.66 8.12 -28.41
N TYR C 94 5.42 7.04 -28.34
CA TYR C 94 4.93 5.76 -27.93
C TYR C 94 5.63 5.36 -26.64
N TYR C 95 4.85 5.13 -25.58
CA TYR C 95 5.36 4.62 -24.31
C TYR C 95 5.15 3.13 -24.14
N CYS C 96 6.13 2.47 -23.55
CA CYS C 96 5.88 1.19 -22.94
C CYS C 96 5.57 1.48 -21.49
N VAL C 97 4.74 0.64 -20.89
CA VAL C 97 4.19 0.91 -19.57
C VAL C 97 3.97 -0.43 -18.90
N ARG C 98 4.68 -0.66 -17.82
CA ARG C 98 4.49 -1.90 -17.08
C ARG C 98 3.12 -1.85 -16.41
N GLY C 99 2.38 -2.93 -16.55
CA GLY C 99 1.13 -3.11 -15.83
C GLY C 99 1.36 -3.57 -14.41
N GLY C 100 0.25 -3.87 -13.72
CA GLY C 100 0.30 -4.35 -12.35
C GLY C 100 0.21 -5.86 -12.36
N TYR C 101 -0.06 -6.43 -11.19
CA TYR C 101 -0.05 -7.89 -11.00
C TYR C 101 -1.09 -8.60 -11.86
N ARG C 102 -2.12 -7.86 -12.27
CA ARG C 102 -3.13 -8.33 -13.21
C ARG C 102 -3.15 -7.37 -14.40
N PRO C 103 -3.45 -7.87 -15.59
CA PRO C 103 -3.44 -7.08 -16.82
C PRO C 103 -4.23 -5.76 -16.80
N TYR C 104 -5.29 -5.69 -16.01
CA TYR C 104 -6.16 -4.52 -16.04
C TYR C 104 -5.92 -3.55 -14.87
N TYR C 105 -5.01 -3.90 -13.96
CA TYR C 105 -4.62 -2.97 -12.90
C TYR C 105 -4.08 -1.68 -13.52
N ALA C 106 -4.24 -0.57 -12.79
CA ALA C 106 -3.76 0.72 -13.22
C ALA C 106 -2.24 0.66 -13.39
N MET C 107 -1.72 1.39 -14.36
CA MET C 107 -0.37 1.18 -14.84
C MET C 107 0.56 2.14 -14.13
N ASP C 108 1.62 1.63 -13.55
CA ASP C 108 2.39 2.36 -12.55
C ASP C 108 3.74 2.95 -13.03
N TYR C 109 4.39 2.29 -13.98
CA TYR C 109 5.72 2.71 -14.41
C TYR C 109 5.70 2.90 -15.93
N TRP C 110 5.73 4.16 -16.34
CA TRP C 110 5.81 4.52 -17.75
C TRP C 110 7.25 4.72 -18.12
N GLY C 111 7.67 4.16 -19.24
CA GLY C 111 8.93 4.53 -19.89
C GLY C 111 8.96 5.98 -20.33
N GLN C 112 10.10 6.41 -20.86
CA GLN C 112 10.28 7.78 -21.34
C GLN C 112 9.67 7.99 -22.70
N GLY C 113 9.50 6.93 -23.46
CA GLY C 113 8.81 6.99 -24.72
C GLY C 113 9.75 7.10 -25.92
N THR C 114 9.23 6.70 -27.07
CA THR C 114 9.94 6.72 -28.34
C THR C 114 9.14 7.56 -29.29
N SER C 115 9.75 8.63 -29.75
CA SER C 115 9.08 9.59 -30.59
C SER C 115 9.27 9.12 -32.01
N VAL C 116 8.17 8.96 -32.75
CA VAL C 116 8.21 8.53 -34.14
C VAL C 116 7.69 9.66 -34.99
N THR C 117 8.47 10.05 -36.00
CA THR C 117 8.05 10.97 -37.03
C THR C 117 7.93 10.20 -38.37
N VAL C 118 6.75 10.22 -38.98
CA VAL C 118 6.50 9.63 -40.29
C VAL C 118 6.43 10.74 -41.32
N SER C 119 7.40 10.78 -42.23
CA SER C 119 7.45 11.85 -43.21
C SER C 119 8.30 11.44 -44.38
N SER C 120 8.04 11.99 -45.54
CA SER C 120 8.95 11.77 -46.66
C SER C 120 10.02 12.89 -46.76
N ALA C 121 9.97 13.86 -45.88
CA ALA C 121 10.95 14.95 -45.87
C ALA C 121 12.35 14.45 -45.49
N LYS C 122 13.36 15.06 -46.07
CA LYS C 122 14.74 14.63 -45.86
C LYS C 122 15.37 15.28 -44.63
N THR C 123 16.19 14.51 -43.93
CA THR C 123 17.03 15.04 -42.88
C THR C 123 17.82 16.26 -43.40
N THR C 124 17.77 17.36 -42.67
CA THR C 124 18.28 18.63 -43.14
C THR C 124 18.83 19.38 -41.92
N PRO C 125 20.07 19.85 -42.00
CA PRO C 125 20.66 20.58 -40.90
C PRO C 125 20.06 22.00 -40.78
N PRO C 126 20.14 22.58 -39.60
CA PRO C 126 19.65 23.94 -39.36
C PRO C 126 20.61 25.01 -39.87
N SER C 127 20.02 26.11 -40.32
CA SER C 127 20.72 27.37 -40.38
C SER C 127 20.48 28.07 -39.04
N VAL C 128 21.50 28.74 -38.51
CA VAL C 128 21.37 29.45 -37.25
C VAL C 128 21.73 30.91 -37.47
N TYR C 129 20.79 31.78 -37.10
CA TYR C 129 20.95 33.20 -37.30
C TYR C 129 20.83 33.96 -35.98
N PRO C 130 21.70 34.93 -35.76
CA PRO C 130 21.69 35.67 -34.49
C PRO C 130 20.61 36.75 -34.50
N LEU C 131 20.05 37.07 -33.35
CA LEU C 131 19.06 38.11 -33.21
C LEU C 131 19.58 39.12 -32.21
N ALA C 132 20.16 40.19 -32.75
CA ALA C 132 20.77 41.24 -31.97
C ALA C 132 19.89 42.48 -32.12
N PRO C 133 19.69 43.28 -31.07
CA PRO C 133 18.80 44.45 -31.11
C PRO C 133 19.05 45.41 -32.27
N SER C 141 16.41 48.51 -18.09
CA SER C 141 17.82 48.16 -18.07
C SER C 141 18.12 46.69 -18.42
N MET C 142 17.22 46.06 -19.18
CA MET C 142 17.44 44.72 -19.72
C MET C 142 17.45 44.78 -21.25
N VAL C 143 18.11 43.80 -21.84
CA VAL C 143 18.13 43.70 -23.27
C VAL C 143 17.85 42.24 -23.63
N THR C 144 16.97 42.03 -24.62
CA THR C 144 16.65 40.71 -25.09
C THR C 144 17.40 40.40 -26.38
N LEU C 145 18.04 39.23 -26.39
CA LEU C 145 18.74 38.72 -27.54
C LEU C 145 18.11 37.39 -27.99
N GLY C 146 18.55 36.86 -29.11
CA GLY C 146 17.94 35.65 -29.60
C GLY C 146 18.76 34.88 -30.59
N CYS C 147 18.27 33.67 -30.87
CA CYS C 147 18.72 32.80 -31.96
C CYS C 147 17.55 32.25 -32.73
N LEU C 148 17.73 32.24 -34.04
CA LEU C 148 16.76 31.74 -34.98
C LEU C 148 17.39 30.50 -35.60
N VAL C 149 16.76 29.34 -35.38
CA VAL C 149 17.18 28.06 -35.90
C VAL C 149 16.19 27.61 -37.01
N LYS C 150 16.63 27.70 -38.25
CA LYS C 150 15.71 27.64 -39.36
C LYS C 150 16.03 26.53 -40.33
N GLY C 151 14.97 25.92 -40.87
CA GLY C 151 15.06 25.00 -41.98
C GLY C 151 15.68 23.64 -41.67
N TYR C 152 15.34 23.05 -40.52
CA TYR C 152 15.87 21.74 -40.16
C TYR C 152 14.77 20.66 -40.12
N PHE C 153 15.20 19.41 -40.19
CA PHE C 153 14.31 18.25 -40.12
C PHE C 153 15.17 17.03 -39.84
N PRO C 154 14.75 16.10 -38.99
CA PRO C 154 13.54 16.19 -38.15
C PRO C 154 13.85 16.87 -36.83
N GLU C 155 12.90 16.84 -35.89
CA GLU C 155 13.13 17.17 -34.47
C GLU C 155 13.97 16.07 -33.77
N PRO C 156 14.61 16.39 -32.64
CA PRO C 156 14.69 17.75 -32.08
C PRO C 156 16.00 18.53 -32.40
N VAL C 157 16.00 19.82 -32.11
CA VAL C 157 17.25 20.55 -31.79
C VAL C 157 17.28 20.92 -30.32
N THR C 158 18.49 21.01 -29.75
CA THR C 158 18.67 21.60 -28.43
C THR C 158 19.32 22.97 -28.58
N VAL C 159 18.90 23.90 -27.74
CA VAL C 159 19.49 25.22 -27.65
C VAL C 159 19.88 25.50 -26.22
N THR C 160 21.12 25.93 -26.02
CA THR C 160 21.56 26.51 -24.76
C THR C 160 22.25 27.86 -25.03
N TRP C 161 22.55 28.55 -23.94
CA TRP C 161 23.21 29.84 -24.01
C TRP C 161 24.44 29.81 -23.10
N ASN C 162 25.57 30.22 -23.65
CA ASN C 162 26.84 30.16 -22.92
C ASN C 162 27.00 28.80 -22.28
N SER C 163 26.68 27.77 -23.06
CA SER C 163 26.76 26.37 -22.62
C SER C 163 26.15 26.09 -21.24
N GLY C 164 24.98 26.68 -21.00
CA GLY C 164 24.24 26.52 -19.76
C GLY C 164 24.46 27.54 -18.65
N SER C 165 25.48 28.39 -18.78
CA SER C 165 25.78 29.40 -17.75
C SER C 165 24.75 30.51 -17.72
N LEU C 166 24.10 30.70 -18.86
CA LEU C 166 22.92 31.55 -18.93
C LEU C 166 21.71 30.67 -18.95
N SER C 167 21.04 30.60 -17.81
CA SER C 167 19.89 29.73 -17.66
C SER C 167 18.58 30.48 -17.39
N SER C 168 18.64 31.57 -16.64
CA SER C 168 17.44 32.32 -16.31
C SER C 168 17.21 33.39 -17.37
N GLY C 169 15.96 33.79 -17.56
CA GLY C 169 15.64 34.76 -18.60
C GLY C 169 15.68 34.16 -20.01
N VAL C 170 15.59 32.84 -20.13
CA VAL C 170 15.62 32.17 -21.42
C VAL C 170 14.19 31.65 -21.78
N HIS C 171 13.77 31.90 -23.03
CA HIS C 171 12.57 31.24 -23.58
C HIS C 171 12.97 30.54 -24.86
N THR C 172 12.79 29.24 -24.88
CA THR C 172 13.03 28.48 -26.07
C THR C 172 11.71 27.97 -26.56
N PHE C 173 11.33 28.42 -27.75
CA PHE C 173 9.98 28.24 -28.25
C PHE C 173 9.89 26.91 -28.99
N PRO C 174 8.77 26.18 -28.83
CA PRO C 174 8.57 24.93 -29.58
C PRO C 174 8.64 25.16 -31.09
N ALA C 175 9.23 24.22 -31.80
CA ALA C 175 9.45 24.33 -33.21
C ALA C 175 8.15 24.35 -33.99
N VAL C 176 8.15 25.01 -35.12
CA VAL C 176 6.99 24.96 -36.01
C VAL C 176 7.38 24.51 -37.42
N LEU C 177 6.50 23.68 -37.99
CA LEU C 177 6.71 23.06 -39.27
C LEU C 177 6.12 23.95 -40.34
N GLN C 178 6.96 24.43 -41.25
CA GLN C 178 6.53 25.11 -42.47
C GLN C 178 7.19 24.43 -43.66
N SER C 179 6.37 23.98 -44.61
CA SER C 179 6.86 23.34 -45.84
C SER C 179 7.93 22.28 -45.53
N ASP C 180 7.58 21.37 -44.64
CA ASP C 180 8.41 20.23 -44.28
C ASP C 180 9.71 20.54 -43.57
N LEU C 181 9.88 21.77 -43.10
CA LEU C 181 11.07 22.13 -42.35
C LEU C 181 10.63 22.83 -41.07
N TYR C 182 11.40 22.62 -40.01
CA TYR C 182 11.08 23.20 -38.73
C TYR C 182 11.84 24.49 -38.57
N THR C 183 11.23 25.42 -37.85
CA THR C 183 11.88 26.63 -37.40
C THR C 183 11.58 26.78 -35.93
N LEU C 184 12.60 27.20 -35.19
CA LEU C 184 12.54 27.40 -33.77
C LEU C 184 13.31 28.67 -33.46
N SER C 185 12.86 29.36 -32.42
CA SER C 185 13.58 30.49 -31.91
C SER C 185 13.80 30.33 -30.42
N SER C 186 14.82 31.03 -29.91
CA SER C 186 15.10 31.09 -28.49
C SER C 186 15.46 32.53 -28.14
N SER C 187 14.84 33.10 -27.11
CA SER C 187 15.29 34.38 -26.57
C SER C 187 16.03 34.27 -25.23
N VAL C 188 16.93 35.21 -24.99
CA VAL C 188 17.57 35.38 -23.70
C VAL C 188 17.64 36.86 -23.34
N THR C 189 17.29 37.17 -22.10
CA THR C 189 17.21 38.53 -21.62
C THR C 189 18.27 38.70 -20.55
N VAL C 190 19.19 39.64 -20.74
CA VAL C 190 20.31 39.85 -19.85
C VAL C 190 20.36 41.30 -19.44
N PRO C 191 21.07 41.63 -18.35
CA PRO C 191 21.23 43.04 -17.99
C PRO C 191 21.93 43.79 -19.11
N SER C 192 21.45 45.00 -19.42
CA SER C 192 21.96 45.72 -20.59
C SER C 192 23.42 46.14 -20.43
N SER C 193 23.82 46.46 -19.22
CA SER C 193 25.22 46.90 -19.01
C SER C 193 26.20 45.82 -19.33
N THR C 194 25.80 44.55 -19.18
CA THR C 194 26.68 43.41 -19.36
C THR C 194 26.86 43.02 -20.82
N TRP C 195 26.09 43.59 -21.73
CA TRP C 195 26.20 43.19 -23.14
C TRP C 195 26.47 44.43 -24.01
N PRO C 196 27.44 44.42 -24.94
CA PRO C 196 28.22 43.26 -25.37
C PRO C 196 29.53 42.96 -24.64
N SER C 197 29.84 43.56 -23.49
CA SER C 197 31.15 43.30 -22.87
C SER C 197 31.34 41.88 -22.40
N GLU C 198 30.27 41.26 -21.91
CA GLU C 198 30.23 39.82 -21.61
C GLU C 198 29.49 39.13 -22.76
N THR C 199 30.13 38.12 -23.35
CA THR C 199 29.65 37.52 -24.58
C THR C 199 28.45 36.66 -24.30
N VAL C 200 27.58 36.56 -25.28
CA VAL C 200 26.41 35.73 -25.24
C VAL C 200 26.41 34.91 -26.54
N THR C 201 26.46 33.59 -26.37
CA THR C 201 26.57 32.63 -27.44
C THR C 201 25.45 31.65 -27.37
N CYS C 202 24.75 31.40 -28.47
CA CYS C 202 23.83 30.27 -28.45
C CYS C 202 24.46 29.02 -29.05
N ASN C 203 24.20 27.89 -28.40
CA ASN C 203 24.74 26.62 -28.81
C ASN C 203 23.57 25.74 -29.29
N VAL C 204 23.64 25.36 -30.56
CA VAL C 204 22.57 24.61 -31.21
C VAL C 204 23.10 23.25 -31.62
N ALA C 205 22.37 22.19 -31.31
CA ALA C 205 22.76 20.85 -31.69
C ALA C 205 21.60 20.26 -32.44
N HIS C 206 21.90 19.65 -33.57
CA HIS C 206 20.91 18.89 -34.34
C HIS C 206 21.44 17.48 -34.52
N PRO C 207 21.15 16.59 -33.59
CA PRO C 207 21.73 15.25 -33.61
C PRO C 207 21.42 14.44 -34.86
N ALA C 208 20.28 14.64 -35.51
CA ALA C 208 19.97 13.80 -36.68
C ALA C 208 20.91 14.12 -37.84
N SER C 209 21.33 15.37 -37.97
CA SER C 209 22.30 15.74 -39.03
C SER C 209 23.75 15.80 -38.54
N SER C 210 23.97 15.30 -37.33
CA SER C 210 25.21 15.41 -36.57
C SER C 210 25.90 16.77 -36.68
N THR C 211 25.14 17.80 -36.32
CA THR C 211 25.53 19.19 -36.45
C THR C 211 25.50 19.89 -35.13
N LYS C 212 26.56 20.68 -34.86
CA LYS C 212 26.57 21.65 -33.77
C LYS C 212 26.96 23.00 -34.34
N VAL C 213 26.32 24.05 -33.88
CA VAL C 213 26.64 25.41 -34.30
C VAL C 213 26.70 26.30 -33.04
N ASP C 214 27.80 27.02 -32.83
CA ASP C 214 27.86 28.07 -31.82
C ASP C 214 27.82 29.42 -32.52
N LYS C 215 26.90 30.27 -32.11
CA LYS C 215 26.74 31.59 -32.72
C LYS C 215 26.80 32.66 -31.62
N LYS C 216 27.88 33.43 -31.57
CA LYS C 216 27.96 34.57 -30.67
C LYS C 216 27.05 35.70 -31.20
N ILE C 217 26.29 36.35 -30.31
CA ILE C 217 25.43 37.45 -30.72
C ILE C 217 26.24 38.72 -30.58
N VAL C 218 26.43 39.44 -31.69
CA VAL C 218 27.22 40.67 -31.65
C VAL C 218 26.34 41.86 -32.03
N PRO C 219 26.68 43.07 -31.57
CA PRO C 219 25.94 44.27 -31.98
C PRO C 219 25.97 44.45 -33.49
N ARG C 220 24.87 44.96 -34.02
CA ARG C 220 24.77 45.26 -35.46
C ARG C 220 25.74 46.39 -35.87
N GLU D 1 19.30 -1.72 28.01
CA GLU D 1 18.26 -2.07 27.02
C GLU D 1 17.16 -0.98 27.03
N LEU D 2 16.09 -1.22 26.28
CA LEU D 2 14.88 -0.39 26.26
C LEU D 2 13.73 -1.18 26.89
N GLN D 3 13.08 -0.57 27.88
CA GLN D 3 11.94 -1.16 28.57
C GLN D 3 10.70 -0.36 28.23
N MET D 4 9.58 -1.05 28.02
CA MET D 4 8.31 -0.38 27.68
C MET D 4 7.30 -0.67 28.79
N THR D 5 6.74 0.40 29.37
CA THR D 5 5.81 0.29 30.48
C THR D 5 4.37 0.56 30.01
N GLN D 6 3.58 -0.52 29.87
CA GLN D 6 2.20 -0.40 29.40
C GLN D 6 1.20 -0.30 30.54
N SER D 7 0.14 0.49 30.37
CA SER D 7 -0.81 0.74 31.44
C SER D 7 -2.24 1.00 30.92
N PRO D 8 -3.28 0.46 31.57
CA PRO D 8 -3.15 -0.39 32.75
C PRO D 8 -2.96 -1.85 32.32
N ALA D 9 -2.62 -2.73 33.26
CA ALA D 9 -2.57 -4.17 32.98
C ALA D 9 -3.95 -4.77 32.64
N SER D 10 -4.99 -4.35 33.35
CA SER D 10 -6.38 -4.79 33.07
C SER D 10 -7.33 -3.61 33.06
N LEU D 11 -8.44 -3.80 32.37
CA LEU D 11 -9.43 -2.75 32.20
C LEU D 11 -10.77 -3.38 31.81
N SER D 12 -11.82 -3.06 32.55
CA SER D 12 -13.17 -3.47 32.20
C SER D 12 -13.91 -2.29 31.63
N ALA D 13 -14.67 -2.53 30.56
CA ALA D 13 -15.41 -1.45 29.89
C ALA D 13 -16.65 -1.95 29.13
N SER D 14 -17.44 -1.00 28.66
CA SER D 14 -18.70 -1.28 27.99
C SER D 14 -18.62 -0.87 26.54
N VAL D 15 -19.34 -1.59 25.69
CA VAL D 15 -19.55 -1.20 24.31
C VAL D 15 -20.17 0.19 24.34
N GLY D 16 -19.61 1.11 23.55
CA GLY D 16 -20.05 2.48 23.53
C GLY D 16 -19.07 3.38 24.28
N GLU D 17 -18.36 2.82 25.25
CA GLU D 17 -17.41 3.60 26.06
C GLU D 17 -16.09 3.89 25.31
N THR D 18 -15.45 4.97 25.71
CA THR D 18 -14.16 5.33 25.19
C THR D 18 -13.11 5.04 26.25
N VAL D 19 -12.01 4.41 25.85
CA VAL D 19 -10.91 4.10 26.77
C VAL D 19 -9.57 4.47 26.17
N THR D 20 -8.55 4.52 27.03
CA THR D 20 -7.20 4.92 26.65
C THR D 20 -6.17 4.02 27.34
N ILE D 21 -5.28 3.48 26.55
CA ILE D 21 -4.17 2.65 27.00
C ILE D 21 -2.90 3.47 26.77
N THR D 22 -1.97 3.45 27.72
CA THR D 22 -0.73 4.21 27.58
C THR D 22 0.50 3.31 27.60
N CYS D 23 1.56 3.82 26.96
CA CYS D 23 2.84 3.12 26.88
C CYS D 23 3.96 4.12 27.06
N ARG D 24 4.91 3.83 27.93
CA ARG D 24 6.02 4.75 28.18
C ARG D 24 7.34 4.08 27.85
N ALA D 25 8.10 4.66 26.92
CA ALA D 25 9.39 4.12 26.55
C ALA D 25 10.42 4.66 27.52
N SER D 26 11.38 3.81 27.90
CA SER D 26 12.40 4.20 28.86
C SER D 26 13.40 5.22 28.30
N GLU D 27 13.50 5.30 26.97
CA GLU D 27 14.29 6.34 26.29
C GLU D 27 13.58 6.84 25.02
N ASN D 28 14.12 7.89 24.39
CA ASN D 28 13.56 8.47 23.16
C ASN D 28 13.43 7.43 22.06
N ILE D 29 12.19 7.21 21.59
CA ILE D 29 11.94 6.34 20.45
C ILE D 29 11.23 7.04 19.27
N TYR D 30 11.15 8.37 19.31
CA TYR D 30 10.55 9.17 18.24
C TYR D 30 9.07 8.80 18.01
N SER D 31 8.66 8.45 16.80
CA SER D 31 7.29 7.97 16.56
C SER D 31 7.25 6.47 16.30
N TYR D 32 8.32 5.75 16.62
CA TYR D 32 8.45 4.35 16.29
C TYR D 32 7.76 3.43 17.34
N LEU D 33 6.45 3.59 17.48
CA LEU D 33 5.66 2.76 18.37
C LEU D 33 4.47 2.21 17.59
N ALA D 34 4.25 0.91 17.73
CA ALA D 34 3.15 0.24 17.08
C ALA D 34 2.23 -0.38 18.15
N TRP D 35 0.96 -0.55 17.81
CA TRP D 35 0.00 -1.20 18.70
C TRP D 35 -0.53 -2.44 18.02
N TYR D 36 -0.61 -3.55 18.76
CA TYR D 36 -1.16 -4.81 18.24
C TYR D 36 -2.36 -5.20 19.09
N GLN D 37 -3.34 -5.84 18.45
CA GLN D 37 -4.48 -6.42 19.14
C GLN D 37 -4.31 -7.93 19.06
N GLN D 38 -4.61 -8.63 20.16
CA GLN D 38 -4.66 -10.11 20.12
C GLN D 38 -5.93 -10.64 20.77
N LYS D 39 -6.72 -11.37 20.01
CA LYS D 39 -7.90 -12.05 20.55
C LYS D 39 -7.49 -13.44 20.95
N GLN D 40 -8.24 -14.03 21.87
CA GLN D 40 -7.87 -15.33 22.44
C GLN D 40 -7.76 -16.39 21.33
N GLY D 41 -6.67 -17.17 21.36
CA GLY D 41 -6.47 -18.25 20.40
C GLY D 41 -6.09 -17.80 19.00
N LYS D 42 -5.58 -16.58 18.86
CA LYS D 42 -5.27 -16.04 17.54
C LYS D 42 -3.93 -15.33 17.56
N SER D 43 -3.34 -15.24 16.38
CA SER D 43 -2.20 -14.41 16.13
C SER D 43 -2.54 -12.90 16.36
N PRO D 44 -1.59 -12.13 16.88
CA PRO D 44 -1.76 -10.68 16.94
C PRO D 44 -1.98 -10.02 15.58
N GLN D 45 -2.64 -8.87 15.57
CA GLN D 45 -2.86 -8.07 14.37
C GLN D 45 -2.37 -6.66 14.63
N LEU D 46 -1.63 -6.11 13.68
CA LEU D 46 -1.15 -4.74 13.74
C LEU D 46 -2.32 -3.81 13.54
N LEU D 47 -2.47 -2.81 14.40
CA LEU D 47 -3.53 -1.79 14.29
C LEU D 47 -2.98 -0.42 13.88
N VAL D 48 -1.90 -0.02 14.54
CA VAL D 48 -1.27 1.29 14.39
C VAL D 48 0.22 1.11 14.33
N TYR D 49 0.85 1.81 13.39
CA TYR D 49 2.29 2.00 13.39
C TYR D 49 2.65 3.48 13.25
N ASN D 50 3.92 3.77 13.48
CA ASN D 50 4.41 5.16 13.54
C ASN D 50 3.63 5.97 14.57
N ALA D 51 3.22 5.31 15.65
CA ALA D 51 2.48 5.91 16.75
C ALA D 51 1.04 6.34 16.42
N LYS D 52 0.76 6.72 15.17
CA LYS D 52 -0.56 7.27 14.83
C LYS D 52 -1.16 6.83 13.48
N THR D 53 -0.42 6.07 12.69
CA THR D 53 -0.89 5.65 11.38
C THR D 53 -1.66 4.34 11.49
N LEU D 54 -2.92 4.35 11.07
CA LEU D 54 -3.71 3.13 11.01
C LEU D 54 -3.21 2.19 9.92
N ALA D 55 -3.02 0.92 10.29
CA ALA D 55 -2.84 -0.16 9.36
C ALA D 55 -4.09 -0.30 8.51
N GLU D 56 -3.93 -0.94 7.35
CA GLU D 56 -5.01 -1.10 6.36
C GLU D 56 -6.23 -1.83 6.94
N GLY D 57 -7.40 -1.27 6.67
CA GLY D 57 -8.67 -1.83 7.12
C GLY D 57 -9.03 -1.59 8.58
N VAL D 58 -8.13 -0.98 9.35
CA VAL D 58 -8.37 -0.74 10.78
C VAL D 58 -9.35 0.41 10.95
N PRO D 59 -10.46 0.20 11.67
CA PRO D 59 -11.50 1.23 11.75
C PRO D 59 -10.98 2.48 12.46
N SER D 60 -11.53 3.62 12.07
CA SER D 60 -11.00 4.92 12.48
C SER D 60 -11.23 5.23 13.96
N ARG D 61 -12.04 4.42 14.65
CA ARG D 61 -12.28 4.65 16.07
C ARG D 61 -11.00 4.47 16.90
N PHE D 62 -10.02 3.76 16.35
CA PHE D 62 -8.68 3.68 16.93
C PHE D 62 -7.86 4.92 16.51
N SER D 63 -7.37 5.66 17.49
CA SER D 63 -6.40 6.73 17.25
C SER D 63 -5.26 6.60 18.24
N GLY D 64 -4.05 6.44 17.71
CA GLY D 64 -2.84 6.50 18.48
C GLY D 64 -2.28 7.92 18.47
N SER D 65 -1.53 8.26 19.51
CA SER D 65 -0.85 9.54 19.57
C SER D 65 0.40 9.43 20.45
N GLY D 66 1.23 10.48 20.43
CA GLY D 66 2.43 10.54 21.24
C GLY D 66 3.73 10.52 20.46
N SER D 67 4.81 10.90 21.15
CA SER D 67 6.15 11.10 20.58
C SER D 67 7.18 11.11 21.71
N GLY D 68 8.39 10.62 21.43
CA GLY D 68 9.44 10.60 22.43
C GLY D 68 9.25 9.43 23.38
N THR D 69 8.81 9.70 24.60
CA THR D 69 8.63 8.63 25.59
C THR D 69 7.17 8.29 25.94
N GLN D 70 6.21 9.13 25.59
CA GLN D 70 4.82 8.95 26.05
C GLN D 70 3.89 8.71 24.88
N PHE D 71 3.15 7.61 24.94
CA PHE D 71 2.23 7.22 23.88
C PHE D 71 0.91 6.70 24.43
N SER D 72 -0.12 6.76 23.60
CA SER D 72 -1.46 6.41 24.00
C SER D 72 -2.27 5.87 22.82
N LEU D 73 -3.04 4.82 23.06
CA LEU D 73 -4.03 4.31 22.11
C LEU D 73 -5.40 4.60 22.67
N LYS D 74 -6.12 5.47 22.01
CA LYS D 74 -7.50 5.74 22.33
C LYS D 74 -8.37 4.84 21.44
N ILE D 75 -9.39 4.22 22.02
CA ILE D 75 -10.42 3.56 21.24
C ILE D 75 -11.72 4.28 21.55
N ASN D 76 -12.22 5.02 20.58
CA ASN D 76 -13.44 5.78 20.74
C ASN D 76 -14.65 4.87 20.53
N SER D 77 -15.57 4.87 21.49
CA SER D 77 -16.79 4.10 21.41
C SER D 77 -16.53 2.62 21.06
N LEU D 78 -15.94 1.92 22.03
CA LEU D 78 -15.71 0.47 22.01
C LEU D 78 -16.80 -0.37 21.36
N GLN D 79 -16.39 -1.25 20.47
CA GLN D 79 -17.28 -2.18 19.80
C GLN D 79 -16.97 -3.58 20.33
N PRO D 80 -17.89 -4.55 20.16
CA PRO D 80 -17.67 -5.90 20.75
C PRO D 80 -16.37 -6.60 20.30
N GLU D 81 -16.01 -6.43 19.05
CA GLU D 81 -14.78 -7.00 18.49
C GLU D 81 -13.49 -6.41 19.07
N ASP D 82 -13.59 -5.35 19.89
CA ASP D 82 -12.41 -4.68 20.43
C ASP D 82 -11.89 -5.31 21.70
N PHE D 83 -12.71 -6.14 22.31
CA PHE D 83 -12.32 -6.79 23.56
C PHE D 83 -11.34 -7.91 23.28
N GLY D 84 -10.26 -7.88 24.04
CA GLY D 84 -9.15 -8.79 23.86
C GLY D 84 -7.96 -8.12 24.53
N SER D 85 -6.76 -8.51 24.10
CA SER D 85 -5.52 -7.95 24.64
C SER D 85 -4.88 -7.00 23.62
N TYR D 86 -4.13 -6.03 24.14
CA TYR D 86 -3.45 -5.03 23.35
C TYR D 86 -1.99 -4.92 23.80
N TYR D 87 -1.08 -4.76 22.86
CA TYR D 87 0.35 -4.59 23.14
C TYR D 87 0.92 -3.40 22.36
N CYS D 88 1.71 -2.56 23.02
CA CYS D 88 2.56 -1.61 22.29
C CYS D 88 3.85 -2.35 21.94
N GLN D 89 4.59 -1.81 20.98
CA GLN D 89 5.89 -2.36 20.60
C GLN D 89 6.69 -1.31 19.84
N HIS D 90 7.94 -1.11 20.26
CA HIS D 90 8.91 -0.34 19.54
C HIS D 90 9.15 -0.99 18.18
N HIS D 91 9.08 -0.21 17.10
CA HIS D 91 9.53 -0.71 15.81
C HIS D 91 10.70 0.14 15.27
N TYR D 92 11.06 -0.07 14.00
CA TYR D 92 12.23 0.49 13.33
C TYR D 92 13.57 -0.07 13.79
N GLY D 93 13.87 0.03 15.08
CA GLY D 93 15.20 -0.29 15.61
C GLY D 93 15.15 -1.31 16.72
N THR D 94 16.29 -1.95 16.99
CA THR D 94 16.36 -2.97 18.04
C THR D 94 16.76 -2.33 19.37
N PRO D 95 16.21 -2.83 20.49
CA PRO D 95 15.25 -3.92 20.50
C PRO D 95 13.83 -3.48 20.12
N LEU D 96 13.10 -4.37 19.47
CA LEU D 96 11.69 -4.17 19.16
C LEU D 96 10.86 -4.61 20.36
N THR D 97 11.04 -3.95 21.51
CA THR D 97 10.48 -4.46 22.75
C THR D 97 8.96 -4.28 22.82
N PHE D 98 8.29 -5.30 23.33
CA PHE D 98 6.86 -5.22 23.64
C PHE D 98 6.60 -4.72 25.04
N GLY D 99 5.52 -3.94 25.20
CA GLY D 99 4.96 -3.64 26.50
C GLY D 99 4.32 -4.90 27.04
N ALA D 100 4.01 -4.92 28.34
CA ALA D 100 3.55 -6.15 28.99
C ALA D 100 2.10 -6.52 28.64
N GLY D 101 1.36 -5.57 28.04
CA GLY D 101 0.02 -5.83 27.56
C GLY D 101 -1.10 -5.30 28.43
N THR D 102 -2.30 -5.25 27.86
CA THR D 102 -3.53 -4.80 28.51
C THR D 102 -4.70 -5.73 28.09
N LYS D 103 -5.30 -6.39 29.07
CA LYS D 103 -6.46 -7.23 28.86
C LYS D 103 -7.69 -6.34 29.04
N LEU D 104 -8.44 -6.16 27.97
CA LEU D 104 -9.66 -5.38 28.01
C LEU D 104 -10.84 -6.34 27.96
N GLU D 105 -11.67 -6.30 28.99
CA GLU D 105 -12.78 -7.21 29.13
C GLU D 105 -14.08 -6.46 29.30
N LEU D 106 -15.19 -7.12 29.00
CA LEU D 106 -16.51 -6.51 29.04
C LEU D 106 -17.11 -6.45 30.44
N LYS D 107 -17.87 -5.38 30.67
CA LYS D 107 -18.65 -5.19 31.88
C LYS D 107 -20.03 -5.76 31.64
N ARG D 108 -20.65 -6.29 32.69
CA ARG D 108 -22.06 -6.63 32.67
C ARG D 108 -22.57 -6.65 34.13
N ALA D 109 -23.84 -6.97 34.34
CA ALA D 109 -24.44 -7.03 35.68
C ALA D 109 -24.07 -8.37 36.31
N ASP D 110 -23.93 -8.37 37.64
CA ASP D 110 -23.60 -9.57 38.41
C ASP D 110 -24.59 -10.67 38.08
N ALA D 111 -24.09 -11.89 37.96
CA ALA D 111 -24.94 -13.04 37.69
C ALA D 111 -24.45 -14.27 38.47
N ALA D 112 -25.40 -14.97 39.08
CA ALA D 112 -25.10 -16.14 39.88
C ALA D 112 -24.78 -17.29 38.94
N PRO D 113 -23.92 -18.21 39.36
CA PRO D 113 -23.59 -19.37 38.55
C PRO D 113 -24.71 -20.42 38.53
N THR D 114 -24.78 -21.15 37.42
CA THR D 114 -25.63 -22.31 37.30
C THR D 114 -24.71 -23.44 37.65
N VAL D 115 -25.02 -24.14 38.75
CA VAL D 115 -24.12 -25.14 39.28
C VAL D 115 -24.67 -26.53 39.03
N SER D 116 -23.82 -27.42 38.56
CA SER D 116 -24.19 -28.82 38.34
C SER D 116 -23.08 -29.72 38.87
N ILE D 117 -23.47 -30.78 39.57
CA ILE D 117 -22.52 -31.73 40.12
C ILE D 117 -22.71 -33.08 39.45
N PHE D 118 -21.60 -33.80 39.25
CA PHE D 118 -21.61 -35.10 38.58
C PHE D 118 -20.79 -36.12 39.36
N PRO D 119 -21.41 -37.23 39.70
CA PRO D 119 -20.69 -38.35 40.29
C PRO D 119 -19.67 -38.94 39.31
N PRO D 120 -18.66 -39.68 39.80
CA PRO D 120 -17.72 -40.36 38.92
C PRO D 120 -18.48 -41.23 37.94
N SER D 121 -18.09 -41.21 36.68
CA SER D 121 -18.60 -42.17 35.73
C SER D 121 -18.24 -43.56 36.19
N SER D 122 -19.13 -44.50 35.89
CA SER D 122 -18.88 -45.90 36.20
C SER D 122 -17.64 -46.44 35.49
N GLU D 123 -17.33 -45.86 34.33
CA GLU D 123 -16.13 -46.21 33.56
C GLU D 123 -14.86 -45.93 34.33
N GLN D 124 -14.81 -44.75 34.95
CA GLN D 124 -13.63 -44.33 35.65
C GLN D 124 -13.44 -45.18 36.87
N LEU D 125 -14.53 -45.54 37.54
CA LEU D 125 -14.41 -46.41 38.71
C LEU D 125 -13.69 -47.72 38.39
N THR D 126 -13.91 -48.30 37.21
CA THR D 126 -13.22 -49.55 36.85
C THR D 126 -11.71 -49.36 36.68
N SER D 127 -11.28 -48.13 36.41
CA SER D 127 -9.84 -47.85 36.34
C SER D 127 -9.21 -47.61 37.73
N GLY D 128 -10.04 -47.52 38.78
CA GLY D 128 -9.54 -47.31 40.13
C GLY D 128 -9.63 -45.89 40.69
N GLY D 129 -9.99 -44.90 39.86
CA GLY D 129 -10.11 -43.52 40.30
C GLY D 129 -11.56 -43.07 40.38
N ALA D 130 -11.76 -41.91 40.98
CA ALA D 130 -13.09 -41.37 41.16
C ALA D 130 -13.04 -39.84 41.19
N SER D 131 -13.39 -39.19 40.08
CA SER D 131 -13.41 -37.73 40.04
C SER D 131 -14.86 -37.24 40.10
N VAL D 132 -15.12 -36.33 41.03
CA VAL D 132 -16.41 -35.69 41.14
C VAL D 132 -16.25 -34.33 40.48
N VAL D 133 -17.12 -34.04 39.54
CA VAL D 133 -16.99 -32.82 38.77
C VAL D 133 -18.12 -31.87 39.14
N CYS D 134 -17.77 -30.59 39.19
CA CYS D 134 -18.71 -29.53 39.45
C CYS D 134 -18.50 -28.43 38.42
N PHE D 135 -19.55 -28.07 37.71
CA PHE D 135 -19.50 -26.94 36.81
C PHE D 135 -20.22 -25.75 37.45
N LEU D 136 -19.58 -24.59 37.40
CA LEU D 136 -20.16 -23.35 37.88
C LEU D 136 -20.21 -22.44 36.67
N ASN D 137 -21.38 -22.40 36.02
CA ASN D 137 -21.46 -21.86 34.66
C ASN D 137 -22.12 -20.49 34.56
N ASN D 138 -21.55 -19.62 33.75
CA ASN D 138 -22.19 -18.35 33.35
C ASN D 138 -22.48 -17.38 34.49
N PHE D 139 -21.41 -16.99 35.18
CA PHE D 139 -21.51 -16.06 36.31
C PHE D 139 -20.69 -14.81 36.04
N TYR D 140 -20.92 -13.78 36.84
CA TYR D 140 -20.14 -12.56 36.79
C TYR D 140 -20.21 -11.89 38.16
N PRO D 141 -19.15 -11.26 38.66
CA PRO D 141 -17.80 -11.22 38.06
C PRO D 141 -17.01 -12.52 38.21
N LYS D 142 -15.76 -12.51 37.73
CA LYS D 142 -14.92 -13.71 37.63
C LYS D 142 -14.58 -14.32 38.99
N ASP D 143 -14.43 -13.48 39.99
CA ASP D 143 -13.96 -13.93 41.28
C ASP D 143 -14.98 -14.91 41.84
N ILE D 144 -14.55 -16.13 42.15
CA ILE D 144 -15.44 -17.12 42.74
C ILE D 144 -14.64 -18.12 43.57
N ASN D 145 -15.26 -18.66 44.62
CA ASN D 145 -14.65 -19.69 45.45
C ASN D 145 -15.50 -20.96 45.50
N VAL D 146 -14.83 -22.10 45.60
CA VAL D 146 -15.52 -23.37 45.62
C VAL D 146 -14.93 -24.24 46.73
N LYS D 147 -15.82 -24.78 47.54
CA LYS D 147 -15.45 -25.65 48.64
C LYS D 147 -16.15 -27.01 48.40
N TRP D 148 -15.44 -28.09 48.70
CA TRP D 148 -16.02 -29.42 48.62
C TRP D 148 -16.21 -29.97 50.00
N LYS D 149 -17.32 -30.70 50.18
CA LYS D 149 -17.64 -31.34 51.44
C LYS D 149 -17.93 -32.83 51.18
N ILE D 150 -17.32 -33.70 51.98
CA ILE D 150 -17.58 -35.14 51.92
C ILE D 150 -18.13 -35.52 53.28
N ASP D 151 -19.35 -36.06 53.31
CA ASP D 151 -20.06 -36.41 54.56
C ASP D 151 -20.10 -35.28 55.62
N GLY D 152 -20.23 -34.01 55.20
CA GLY D 152 -20.37 -32.88 56.18
C GLY D 152 -19.08 -32.16 56.58
N SER D 153 -17.92 -32.68 56.05
CA SER D 153 -16.53 -32.17 56.31
C SER D 153 -15.79 -31.65 55.03
N GLU D 154 -15.17 -30.47 55.15
CA GLU D 154 -14.40 -29.90 54.05
C GLU D 154 -13.24 -30.80 53.62
N ARG D 155 -13.02 -30.82 52.31
CA ARG D 155 -11.94 -31.55 51.69
C ARG D 155 -11.27 -30.61 50.67
N GLN D 156 -9.97 -30.40 50.85
CA GLN D 156 -9.19 -29.51 49.98
C GLN D 156 -8.24 -30.29 49.07
N ASN D 157 -7.81 -31.48 49.53
CA ASN D 157 -6.84 -32.29 48.79
C ASN D 157 -7.50 -32.98 47.60
N GLY D 158 -6.84 -32.88 46.45
CA GLY D 158 -7.30 -33.50 45.23
C GLY D 158 -8.30 -32.65 44.45
N VAL D 159 -8.42 -31.36 44.80
CA VAL D 159 -9.25 -30.42 44.07
C VAL D 159 -8.43 -29.61 43.04
N LEU D 160 -8.94 -29.60 41.81
CA LEU D 160 -8.32 -28.87 40.72
C LEU D 160 -9.38 -28.05 40.00
N ASN D 161 -9.06 -26.78 39.79
CA ASN D 161 -10.01 -25.82 39.27
C ASN D 161 -9.48 -25.24 37.99
N SER D 162 -10.40 -24.81 37.13
CA SER D 162 -10.08 -24.21 35.87
C SER D 162 -11.18 -23.23 35.46
N TRP D 163 -10.78 -22.04 35.05
CA TRP D 163 -11.65 -20.92 34.69
C TRP D 163 -11.56 -20.68 33.21
N THR D 164 -12.70 -20.48 32.55
CA THR D 164 -12.71 -20.06 31.15
C THR D 164 -12.38 -18.60 31.05
N ASP D 165 -11.98 -18.19 29.84
CA ASP D 165 -11.98 -16.78 29.49
C ASP D 165 -13.43 -16.31 29.35
N GLN D 166 -13.60 -15.00 29.28
CA GLN D 166 -14.90 -14.37 29.19
C GLN D 166 -15.64 -14.87 27.96
N ASP D 167 -16.87 -15.29 28.19
CA ASP D 167 -17.78 -15.67 27.13
C ASP D 167 -18.11 -14.40 26.30
N SER D 168 -17.86 -14.43 25.00
CA SER D 168 -18.12 -13.26 24.18
C SER D 168 -19.62 -13.10 23.92
N LYS D 169 -20.40 -14.18 24.02
CA LYS D 169 -21.86 -14.05 23.81
C LYS D 169 -22.62 -13.33 24.95
N ASP D 170 -22.29 -13.62 26.21
CA ASP D 170 -23.04 -13.07 27.36
C ASP D 170 -22.17 -12.43 28.43
N SER D 171 -20.87 -12.28 28.12
CA SER D 171 -19.90 -11.61 28.98
C SER D 171 -19.72 -12.27 30.34
N THR D 172 -20.10 -13.53 30.47
CA THR D 172 -19.88 -14.25 31.73
C THR D 172 -18.58 -15.07 31.73
N TYR D 173 -18.31 -15.65 32.89
CA TYR D 173 -17.24 -16.58 33.13
C TYR D 173 -17.85 -17.90 33.61
N SER D 174 -17.09 -18.97 33.44
CA SER D 174 -17.46 -20.25 34.01
C SER D 174 -16.23 -20.89 34.65
N MET D 175 -16.49 -21.92 35.45
CA MET D 175 -15.42 -22.61 36.12
C MET D 175 -15.80 -24.05 36.32
N SER D 176 -14.80 -24.91 36.24
CA SER D 176 -14.93 -26.31 36.55
C SER D 176 -14.10 -26.65 37.75
N SER D 177 -14.66 -27.43 38.66
CA SER D 177 -13.94 -27.87 39.83
C SER D 177 -14.05 -29.38 39.92
N THR D 178 -12.91 -30.05 39.96
CA THR D 178 -12.86 -31.50 40.01
C THR D 178 -12.20 -32.03 41.27
N LEU D 179 -12.91 -32.87 42.01
CA LEU D 179 -12.37 -33.52 43.19
C LEU D 179 -11.99 -34.94 42.83
N THR D 180 -10.71 -35.23 42.87
CA THR D 180 -10.24 -36.56 42.52
C THR D 180 -9.83 -37.41 43.72
N LEU D 181 -10.50 -38.55 43.85
CA LEU D 181 -10.24 -39.51 44.91
C LEU D 181 -9.99 -40.89 44.32
N THR D 182 -9.52 -41.82 45.14
CA THR D 182 -9.51 -43.23 44.78
C THR D 182 -10.95 -43.78 44.78
N LYS D 183 -11.16 -44.88 44.06
CA LYS D 183 -12.45 -45.56 44.10
C LYS D 183 -12.78 -45.91 45.54
N ASP D 184 -11.82 -46.46 46.28
CA ASP D 184 -12.07 -46.92 47.64
C ASP D 184 -12.51 -45.80 48.56
N GLU D 185 -11.84 -44.66 48.50
CA GLU D 185 -12.22 -43.51 49.31
C GLU D 185 -13.62 -43.02 48.93
N TYR D 186 -13.88 -42.94 47.63
CA TYR D 186 -15.21 -42.56 47.14
C TYR D 186 -16.29 -43.50 47.71
N GLU D 187 -16.02 -44.80 47.74
CA GLU D 187 -17.01 -45.80 48.15
C GLU D 187 -17.29 -45.79 49.67
N ARG D 188 -16.34 -45.27 50.47
CA ARG D 188 -16.51 -45.17 51.93
C ARG D 188 -17.36 -43.99 52.40
N HIS D 189 -17.72 -43.08 51.51
CA HIS D 189 -18.54 -41.94 51.89
C HIS D 189 -19.78 -41.87 51.03
N ASN D 190 -20.80 -41.16 51.51
CA ASN D 190 -22.09 -41.07 50.82
C ASN D 190 -22.38 -39.70 50.21
N SER D 191 -22.13 -38.64 50.97
CA SER D 191 -22.61 -37.31 50.62
C SER D 191 -21.48 -36.48 50.01
N TYR D 192 -21.70 -35.99 48.79
CA TYR D 192 -20.70 -35.23 48.05
C TYR D 192 -21.28 -33.89 47.68
N THR D 193 -20.65 -32.84 48.16
CA THR D 193 -21.18 -31.50 48.05
C THR D 193 -20.20 -30.54 47.41
N CYS D 194 -20.72 -29.71 46.52
CA CYS D 194 -19.98 -28.64 45.87
C CYS D 194 -20.66 -27.33 46.25
N GLU D 195 -19.88 -26.41 46.80
CA GLU D 195 -20.39 -25.16 47.36
C GLU D 195 -19.72 -23.99 46.65
N ALA D 196 -20.53 -23.19 45.97
CA ALA D 196 -20.02 -21.99 45.32
C ALA D 196 -20.26 -20.78 46.22
N THR D 197 -19.18 -20.08 46.54
CA THR D 197 -19.26 -18.75 47.15
C THR D 197 -18.95 -17.65 46.12
N HIS D 198 -19.90 -16.75 45.94
CA HIS D 198 -19.84 -15.68 44.94
C HIS D 198 -20.56 -14.45 45.47
N LYS D 199 -20.16 -13.25 45.04
CA LYS D 199 -20.76 -12.03 45.59
C LYS D 199 -22.28 -11.87 45.33
N THR D 200 -22.84 -12.69 44.45
CA THR D 200 -24.28 -12.62 44.15
C THR D 200 -25.16 -13.17 45.28
N SER D 201 -24.58 -13.89 46.23
CA SER D 201 -25.23 -14.13 47.52
C SER D 201 -24.23 -14.24 48.67
N THR D 202 -24.73 -14.04 49.87
CA THR D 202 -23.93 -14.38 51.05
C THR D 202 -24.02 -15.89 51.23
N SER D 203 -25.14 -16.47 50.81
CA SER D 203 -25.36 -17.90 50.93
C SER D 203 -24.69 -18.66 49.78
N PRO D 204 -23.85 -19.64 50.11
CA PRO D 204 -23.25 -20.50 49.08
C PRO D 204 -24.32 -21.23 48.24
N ILE D 205 -24.13 -21.30 46.92
CA ILE D 205 -24.97 -22.18 46.09
C ILE D 205 -24.45 -23.58 46.29
N VAL D 206 -25.30 -24.45 46.84
CA VAL D 206 -24.94 -25.82 47.17
C VAL D 206 -25.60 -26.85 46.23
N LYS D 207 -24.78 -27.74 45.67
CA LYS D 207 -25.26 -28.90 44.92
C LYS D 207 -24.65 -30.16 45.52
N SER D 208 -25.51 -31.14 45.79
CA SER D 208 -25.06 -32.39 46.38
C SER D 208 -25.66 -33.59 45.65
N PHE D 209 -25.01 -34.73 45.85
CA PHE D 209 -25.61 -36.01 45.59
C PHE D 209 -25.16 -37.00 46.67
N ASN D 210 -25.98 -38.03 46.86
CA ASN D 210 -25.63 -39.17 47.68
C ASN D 210 -25.29 -40.35 46.79
N ARG D 211 -24.16 -41.00 47.08
CA ARG D 211 -23.64 -42.10 46.26
C ARG D 211 -24.63 -43.28 46.11
N ASN D 212 -25.26 -43.70 47.21
CA ASN D 212 -26.30 -44.73 47.16
C ASN D 212 -27.72 -44.14 47.29
N GLU D 213 -28.23 -43.64 46.16
CA GLU D 213 -29.57 -43.03 46.11
C GLU D 213 -30.20 -43.16 44.71
N GLN E 1 -1.45 -13.93 -2.08
CA GLN E 1 -1.42 -13.20 -0.76
C GLN E 1 -0.28 -13.66 0.15
N VAL E 2 0.12 -12.81 1.10
CA VAL E 2 1.26 -13.10 1.99
C VAL E 2 0.90 -14.18 3.00
N LYS E 3 1.70 -15.24 3.02
CA LYS E 3 1.49 -16.37 3.92
C LYS E 3 2.81 -16.76 4.57
N LEU E 4 2.75 -17.01 5.88
CA LEU E 4 3.85 -17.54 6.68
C LEU E 4 3.39 -18.85 7.33
N LEU E 5 3.97 -19.95 6.87
CA LEU E 5 3.58 -21.29 7.28
C LEU E 5 4.64 -21.91 8.20
N GLU E 6 4.25 -22.13 9.44
CA GLU E 6 5.15 -22.55 10.50
C GLU E 6 4.99 -24.03 10.76
N SER E 7 6.07 -24.64 11.22
CA SER E 7 6.09 -26.08 11.44
C SER E 7 5.19 -26.43 12.62
N GLY E 8 4.80 -27.70 12.66
CA GLY E 8 3.86 -28.20 13.65
C GLY E 8 4.42 -28.22 15.06
N PRO E 9 3.56 -28.56 16.04
CA PRO E 9 4.01 -28.57 17.43
C PRO E 9 5.15 -29.56 17.68
N GLU E 10 6.01 -29.22 18.64
CA GLU E 10 7.14 -30.02 19.03
C GLU E 10 7.02 -30.31 20.51
N LEU E 11 7.15 -31.59 20.85
CA LEU E 11 7.37 -32.00 22.22
C LEU E 11 8.85 -32.41 22.28
N VAL E 12 9.65 -31.77 23.12
CA VAL E 12 11.09 -32.06 23.15
C VAL E 12 11.66 -32.16 24.57
N LYS E 13 12.54 -33.15 24.77
CA LYS E 13 13.12 -33.42 26.08
C LYS E 13 13.93 -32.22 26.59
N PRO E 14 13.95 -31.99 27.90
CA PRO E 14 14.83 -30.98 28.50
C PRO E 14 16.29 -31.26 28.16
N GLY E 15 17.04 -30.21 27.82
CA GLY E 15 18.45 -30.31 27.49
C GLY E 15 18.72 -30.51 26.01
N ALA E 16 17.67 -30.84 25.25
CA ALA E 16 17.82 -31.04 23.81
C ALA E 16 17.66 -29.71 23.07
N SER E 17 17.74 -29.76 21.76
CA SER E 17 17.47 -28.58 20.95
C SER E 17 16.31 -28.86 19.99
N VAL E 18 15.71 -27.79 19.49
CA VAL E 18 14.62 -27.89 18.55
C VAL E 18 14.77 -26.85 17.46
N LYS E 19 14.34 -27.19 16.25
CA LYS E 19 14.38 -26.26 15.13
C LYS E 19 13.05 -26.25 14.39
N MET E 20 12.53 -25.06 14.18
CA MET E 20 11.24 -24.83 13.56
C MET E 20 11.41 -23.95 12.31
N SER E 21 10.46 -24.06 11.39
CA SER E 21 10.56 -23.39 10.11
C SER E 21 9.42 -22.39 9.92
N CYS E 22 9.60 -21.47 8.97
CA CYS E 22 8.63 -20.44 8.66
C CYS E 22 8.78 -20.21 7.17
N LYS E 23 7.94 -20.90 6.39
CA LYS E 23 7.99 -20.88 4.93
C LYS E 23 7.16 -19.70 4.43
N ALA E 24 7.82 -18.70 3.84
CA ALA E 24 7.12 -17.53 3.32
C ALA E 24 6.69 -17.73 1.90
N SER E 25 5.56 -17.13 1.55
CA SER E 25 5.09 -17.03 0.17
C SER E 25 4.28 -15.76 -0.01
N GLY E 26 4.12 -15.34 -1.27
CA GLY E 26 3.27 -14.22 -1.64
C GLY E 26 3.96 -12.88 -1.71
N TYR E 27 5.26 -12.89 -1.45
CA TYR E 27 6.09 -11.70 -1.55
C TYR E 27 7.54 -12.12 -1.84
N THR E 28 8.40 -11.15 -2.13
CA THR E 28 9.81 -11.46 -2.37
C THR E 28 10.50 -11.66 -1.01
N PHE E 29 10.85 -12.91 -0.72
CA PHE E 29 11.43 -13.32 0.57
C PHE E 29 12.58 -12.45 1.07
N THR E 30 13.48 -12.07 0.17
CA THR E 30 14.71 -11.39 0.57
C THR E 30 14.55 -9.88 0.76
N SER E 31 13.40 -9.33 0.38
CA SER E 31 13.11 -7.90 0.56
C SER E 31 12.68 -7.50 1.99
N TYR E 32 12.39 -8.46 2.87
CA TYR E 32 11.89 -8.16 4.23
C TYR E 32 12.57 -9.01 5.28
N VAL E 33 12.87 -8.43 6.44
CA VAL E 33 13.40 -9.22 7.56
C VAL E 33 12.31 -10.12 8.12
N MET E 34 12.71 -11.18 8.79
CA MET E 34 11.78 -12.05 9.49
C MET E 34 12.06 -11.93 10.96
N HIS E 35 11.07 -11.46 11.70
CA HIS E 35 11.07 -11.43 13.17
C HIS E 35 10.54 -12.71 13.76
N TRP E 36 10.98 -13.00 14.98
CA TRP E 36 10.51 -14.14 15.76
C TRP E 36 10.07 -13.59 17.10
N VAL E 37 9.03 -14.20 17.66
CA VAL E 37 8.41 -13.73 18.88
C VAL E 37 7.99 -14.93 19.71
N LYS E 38 8.14 -14.81 21.04
CA LYS E 38 7.79 -15.85 21.99
C LYS E 38 6.55 -15.39 22.76
N GLN E 39 5.67 -16.34 23.10
CA GLN E 39 4.52 -16.09 23.97
C GLN E 39 4.30 -17.35 24.78
N LYS E 40 4.60 -17.31 26.07
CA LYS E 40 4.27 -18.42 26.96
C LYS E 40 2.74 -18.43 27.08
N PRO E 41 2.13 -19.58 27.39
CA PRO E 41 0.66 -19.64 27.41
C PRO E 41 0.08 -18.72 28.51
N GLY E 42 -0.88 -17.87 28.13
CA GLY E 42 -1.46 -16.90 29.06
C GLY E 42 -0.61 -15.67 29.40
N GLN E 43 0.56 -15.54 28.76
CA GLN E 43 1.50 -14.46 29.07
C GLN E 43 1.68 -13.55 27.84
N GLY E 44 2.55 -12.53 27.97
CA GLY E 44 2.72 -11.52 26.95
C GLY E 44 3.57 -11.99 25.80
N LEU E 45 3.61 -11.16 24.77
CA LEU E 45 4.51 -11.32 23.63
C LEU E 45 5.93 -10.83 23.97
N GLU E 46 6.93 -11.52 23.44
CA GLU E 46 8.32 -11.18 23.71
C GLU E 46 9.13 -11.28 22.40
N TRP E 47 9.78 -10.18 22.04
CA TRP E 47 10.58 -10.13 20.83
C TRP E 47 11.91 -10.86 21.00
N ILE E 48 12.19 -11.80 20.09
CA ILE E 48 13.41 -12.61 20.14
C ILE E 48 14.56 -12.04 19.29
N GLY E 49 14.23 -11.57 18.09
CA GLY E 49 15.25 -11.13 17.16
C GLY E 49 14.78 -11.22 15.73
N TYR E 50 15.66 -10.90 14.79
CA TYR E 50 15.33 -11.09 13.38
C TYR E 50 16.50 -11.50 12.48
N ILE E 51 16.15 -12.07 11.32
CA ILE E 51 17.09 -12.28 10.23
C ILE E 51 16.64 -11.54 8.97
N ASN E 52 17.60 -10.92 8.31
CA ASN E 52 17.48 -10.36 6.98
C ASN E 52 17.91 -11.44 5.98
N PRO E 53 16.97 -12.09 5.29
CA PRO E 53 17.31 -13.16 4.34
C PRO E 53 18.24 -12.72 3.21
N TYR E 54 18.29 -11.42 2.92
CA TYR E 54 19.14 -10.87 1.86
C TYR E 54 20.64 -11.16 2.08
N ASN E 55 21.10 -10.92 3.30
CA ASN E 55 22.53 -11.04 3.65
C ASN E 55 22.81 -11.92 4.89
N ASP E 56 21.79 -12.65 5.34
CA ASP E 56 21.89 -13.50 6.53
C ASP E 56 22.28 -12.78 7.83
N GLY E 57 22.14 -11.45 7.88
CA GLY E 57 22.45 -10.68 9.08
C GLY E 57 21.39 -10.88 10.18
N THR E 58 21.82 -10.88 11.44
CA THR E 58 20.91 -11.09 12.58
C THR E 58 21.01 -10.02 13.68
N LYS E 59 19.89 -9.78 14.33
CA LYS E 59 19.83 -8.99 15.54
C LYS E 59 19.07 -9.75 16.61
N TYR E 60 19.52 -9.67 17.85
CA TYR E 60 18.90 -10.42 18.94
C TYR E 60 18.52 -9.52 20.10
N ASN E 61 17.37 -9.85 20.69
CA ASN E 61 17.13 -9.57 22.09
C ASN E 61 18.31 -10.18 22.85
N GLU E 62 18.96 -9.40 23.70
CA GLU E 62 20.16 -9.86 24.42
C GLU E 62 19.86 -11.13 25.25
N LYS E 63 18.71 -11.16 25.91
CA LYS E 63 18.25 -12.34 26.65
C LYS E 63 18.39 -13.65 25.87
N PHE E 64 18.19 -13.59 24.55
CA PHE E 64 18.11 -14.78 23.70
C PHE E 64 19.42 -15.14 23.02
N LYS E 65 20.46 -14.36 23.25
CA LYS E 65 21.78 -14.68 22.70
C LYS E 65 22.31 -15.92 23.40
N GLY E 66 22.71 -16.92 22.62
CA GLY E 66 23.11 -18.21 23.17
C GLY E 66 21.95 -19.17 23.40
N LYS E 67 20.71 -18.72 23.12
CA LYS E 67 19.52 -19.58 23.21
C LYS E 67 18.91 -19.78 21.82
N ALA E 68 18.74 -18.70 21.07
CA ALA E 68 18.08 -18.77 19.78
C ALA E 68 19.08 -18.51 18.65
N THR E 69 19.01 -19.28 17.56
CA THR E 69 19.81 -19.04 16.36
C THR E 69 18.87 -18.92 15.18
N LEU E 70 18.94 -17.81 14.47
CA LEU E 70 18.04 -17.56 13.34
C LEU E 70 18.80 -17.77 12.06
N THR E 71 18.25 -18.59 11.18
CA THR E 71 18.87 -18.82 9.88
C THR E 71 17.83 -18.64 8.80
N SER E 72 18.30 -18.68 7.55
CA SER E 72 17.50 -18.36 6.39
C SER E 72 18.01 -19.15 5.17
N ASP E 73 17.08 -19.60 4.34
CA ASP E 73 17.39 -20.36 3.14
C ASP E 73 16.63 -19.69 2.00
N LYS E 74 17.36 -19.05 1.11
CA LYS E 74 16.76 -18.27 0.01
C LYS E 74 15.98 -19.13 -0.97
N SER E 75 16.55 -20.27 -1.37
CA SER E 75 15.94 -21.08 -2.43
C SER E 75 14.58 -21.65 -2.03
N SER E 76 14.37 -21.90 -0.74
CA SER E 76 13.08 -22.44 -0.27
C SER E 76 12.20 -21.38 0.43
N SER E 77 12.60 -20.11 0.32
CA SER E 77 11.93 -19.00 1.02
C SER E 77 11.54 -19.37 2.45
N THR E 78 12.48 -19.91 3.21
CA THR E 78 12.19 -20.44 4.54
C THR E 78 13.17 -19.91 5.59
N ALA E 79 12.63 -19.25 6.61
CA ALA E 79 13.41 -18.85 7.78
C ALA E 79 13.26 -19.92 8.85
N TYR E 80 14.33 -20.13 9.61
CA TYR E 80 14.31 -21.06 10.73
C TYR E 80 14.77 -20.40 12.04
N MET E 81 14.25 -20.89 13.17
CA MET E 81 14.80 -20.61 14.49
C MET E 81 15.09 -21.91 15.23
N GLU E 82 16.32 -22.06 15.71
CA GLU E 82 16.73 -23.15 16.57
C GLU E 82 16.86 -22.67 18.04
N LEU E 83 16.37 -23.47 18.97
CA LEU E 83 16.50 -23.17 20.40
C LEU E 83 17.32 -24.27 21.09
N SER E 84 18.37 -23.87 21.80
CA SER E 84 19.29 -24.81 22.42
C SER E 84 19.08 -24.98 23.94
N SER E 85 19.65 -26.07 24.46
CA SER E 85 19.63 -26.39 25.89
C SER E 85 18.29 -26.09 26.52
N LEU E 86 17.24 -26.78 26.10
CA LEU E 86 15.87 -26.38 26.41
C LEU E 86 15.49 -26.71 27.88
N THR E 87 14.86 -25.74 28.55
CA THR E 87 14.25 -25.91 29.85
C THR E 87 12.74 -25.66 29.69
N SER E 88 11.97 -25.85 30.76
CA SER E 88 10.52 -25.61 30.73
C SER E 88 10.16 -24.12 30.56
N GLU E 89 11.10 -23.23 30.86
CA GLU E 89 10.95 -21.79 30.56
C GLU E 89 10.90 -21.49 29.05
N ASP E 90 11.31 -22.46 28.24
CA ASP E 90 11.26 -22.36 26.79
C ASP E 90 9.94 -22.83 26.20
N SER E 91 9.08 -23.46 27.01
CA SER E 91 7.74 -23.80 26.58
C SER E 91 6.94 -22.54 26.25
N ALA E 92 6.48 -22.47 25.02
CA ALA E 92 5.77 -21.30 24.54
C ALA E 92 5.35 -21.53 23.11
N VAL E 93 4.47 -20.65 22.63
CA VAL E 93 4.25 -20.53 21.21
C VAL E 93 5.31 -19.59 20.67
N TYR E 94 5.90 -19.95 19.54
CA TYR E 94 6.87 -19.08 18.86
C TYR E 94 6.30 -18.69 17.48
N TYR E 95 6.25 -17.40 17.16
CA TYR E 95 5.74 -16.94 15.88
C TYR E 95 6.90 -16.39 15.06
N CYS E 96 6.83 -16.55 13.77
CA CYS E 96 7.62 -15.73 12.87
C CYS E 96 6.71 -14.61 12.39
N VAL E 97 7.28 -13.45 12.15
CA VAL E 97 6.53 -12.26 11.81
C VAL E 97 7.34 -11.44 10.82
N ARG E 98 6.78 -11.16 9.66
CA ARG E 98 7.45 -10.32 8.67
C ARG E 98 7.51 -8.86 9.14
N GLY E 99 8.68 -8.25 9.01
CA GLY E 99 8.86 -6.82 9.22
C GLY E 99 8.54 -5.98 7.99
N GLY E 100 7.29 -5.58 7.85
CA GLY E 100 6.86 -4.84 6.67
C GLY E 100 6.55 -3.36 6.89
N TYR E 101 5.63 -2.83 6.09
CA TYR E 101 5.32 -1.38 6.05
C TYR E 101 6.58 -0.49 5.93
N ARG E 102 7.50 -0.89 5.04
CA ARG E 102 8.74 -0.13 4.83
C ARG E 102 8.41 1.30 4.35
N PRO E 103 9.15 2.33 4.75
CA PRO E 103 10.39 2.26 5.54
C PRO E 103 10.23 2.45 7.07
N TYR E 104 9.04 2.21 7.60
CA TYR E 104 8.79 2.32 9.03
C TYR E 104 9.10 1.01 9.77
N TYR E 105 9.12 -0.11 9.03
CA TYR E 105 9.56 -1.43 9.54
C TYR E 105 8.86 -1.88 10.84
N ALA E 106 7.53 -1.90 10.78
CA ALA E 106 6.71 -2.46 11.84
C ALA E 106 6.29 -3.85 11.40
N MET E 107 6.13 -4.76 12.36
CA MET E 107 5.81 -6.16 12.08
C MET E 107 4.35 -6.30 11.64
N ASP E 108 4.11 -6.94 10.50
CA ASP E 108 2.80 -6.93 9.88
C ASP E 108 2.10 -8.29 9.68
N TYR E 109 2.70 -9.22 8.97
CA TYR E 109 2.08 -10.53 8.77
C TYR E 109 2.68 -11.53 9.75
N TRP E 110 1.81 -12.15 10.53
CA TRP E 110 2.19 -13.14 11.53
C TRP E 110 1.91 -14.55 11.02
N GLY E 111 2.80 -15.48 11.32
CA GLY E 111 2.51 -16.89 11.12
C GLY E 111 1.54 -17.32 12.20
N GLN E 112 1.08 -18.56 12.12
CA GLN E 112 0.17 -19.16 13.11
C GLN E 112 0.84 -19.54 14.41
N GLY E 113 2.17 -19.65 14.40
CA GLY E 113 2.92 -20.07 15.58
C GLY E 113 3.19 -21.57 15.66
N THR E 114 4.31 -21.90 16.30
CA THR E 114 4.74 -23.26 16.60
C THR E 114 4.78 -23.42 18.11
N SER E 115 3.99 -24.34 18.64
CA SER E 115 3.95 -24.59 20.09
C SER E 115 5.05 -25.58 20.45
N VAL E 116 5.96 -25.17 21.33
CA VAL E 116 7.02 -26.03 21.86
C VAL E 116 6.72 -26.36 23.32
N THR E 117 6.73 -27.65 23.65
CA THR E 117 6.56 -28.15 25.00
C THR E 117 7.86 -28.87 25.37
N VAL E 118 8.56 -28.36 26.39
CA VAL E 118 9.78 -28.97 26.88
C VAL E 118 9.46 -29.76 28.14
N SER E 119 9.52 -31.07 28.02
CA SER E 119 9.17 -31.96 29.12
C SER E 119 9.72 -33.32 28.83
N SER E 120 10.00 -34.07 29.89
CA SER E 120 10.40 -35.45 29.78
C SER E 120 9.18 -36.40 29.79
N ALA E 121 8.00 -35.85 30.12
CA ALA E 121 6.76 -36.64 30.14
C ALA E 121 6.42 -37.11 28.75
N LYS E 122 5.88 -38.33 28.64
CA LYS E 122 5.64 -38.94 27.34
C LYS E 122 4.23 -38.73 26.84
N THR E 123 4.10 -38.74 25.53
CA THR E 123 2.84 -38.61 24.85
C THR E 123 1.87 -39.67 25.39
N THR E 124 0.69 -39.22 25.77
CA THR E 124 -0.26 -40.05 26.54
C THR E 124 -1.65 -39.73 26.03
N PRO E 125 -2.39 -40.73 25.56
CA PRO E 125 -3.74 -40.48 25.06
C PRO E 125 -4.67 -40.25 26.26
N PRO E 126 -5.77 -39.55 26.08
CA PRO E 126 -6.67 -39.29 27.19
C PRO E 126 -7.60 -40.46 27.50
N SER E 127 -8.01 -40.60 28.75
CA SER E 127 -9.21 -41.36 29.08
C SER E 127 -10.40 -40.42 29.00
N VAL E 128 -11.51 -40.86 28.41
CA VAL E 128 -12.67 -39.98 28.23
C VAL E 128 -13.82 -40.59 28.97
N TYR E 129 -14.37 -39.81 29.90
CA TYR E 129 -15.40 -40.29 30.79
C TYR E 129 -16.65 -39.41 30.58
N PRO E 130 -17.80 -40.04 30.34
CA PRO E 130 -19.03 -39.28 30.16
C PRO E 130 -19.55 -38.87 31.54
N LEU E 131 -20.20 -37.72 31.61
CA LEU E 131 -20.76 -37.19 32.84
C LEU E 131 -22.26 -36.98 32.66
N ALA E 132 -23.03 -37.95 33.15
CA ALA E 132 -24.48 -37.87 33.14
C ALA E 132 -24.88 -37.42 34.55
N PRO E 133 -25.99 -36.70 34.69
CA PRO E 133 -26.52 -36.34 36.02
C PRO E 133 -26.71 -37.57 36.92
N SER E 141 -35.71 -26.55 33.31
CA SER E 141 -35.92 -26.57 31.86
C SER E 141 -34.72 -27.11 31.07
N MET E 142 -33.51 -26.91 31.61
CA MET E 142 -32.28 -27.26 30.90
C MET E 142 -31.57 -28.37 31.67
N VAL E 143 -30.79 -29.17 30.96
CA VAL E 143 -29.95 -30.17 31.60
C VAL E 143 -28.54 -29.97 31.09
N THR E 144 -27.59 -30.19 31.97
CA THR E 144 -26.19 -30.07 31.65
C THR E 144 -25.53 -31.43 31.71
N LEU E 145 -24.81 -31.78 30.64
CA LEU E 145 -24.03 -33.00 30.54
C LEU E 145 -22.56 -32.60 30.41
N GLY E 146 -21.67 -33.57 30.55
CA GLY E 146 -20.27 -33.27 30.41
C GLY E 146 -19.40 -34.43 29.96
N CYS E 147 -18.13 -34.10 29.80
CA CYS E 147 -17.13 -35.04 29.41
C CYS E 147 -15.86 -34.71 30.17
N LEU E 148 -15.29 -35.72 30.83
CA LEU E 148 -14.03 -35.55 31.54
C LEU E 148 -12.93 -36.21 30.71
N VAL E 149 -11.93 -35.41 30.35
CA VAL E 149 -10.84 -35.81 29.48
C VAL E 149 -9.59 -35.82 30.32
N LYS E 150 -9.24 -37.00 30.80
CA LYS E 150 -8.31 -37.11 31.89
C LYS E 150 -7.03 -37.82 31.50
N GLY E 151 -5.91 -37.28 31.97
CA GLY E 151 -4.63 -37.96 31.93
C GLY E 151 -3.93 -37.97 30.59
N TYR E 152 -3.93 -36.84 29.90
CA TYR E 152 -3.28 -36.79 28.58
C TYR E 152 -2.06 -35.88 28.54
N PHE E 153 -1.22 -36.13 27.53
CA PHE E 153 -0.02 -35.32 27.31
C PHE E 153 0.44 -35.48 25.86
N PRO E 154 0.98 -34.44 25.21
CA PRO E 154 0.93 -33.04 25.63
C PRO E 154 -0.43 -32.39 25.27
N GLU E 155 -0.54 -31.09 25.46
CA GLU E 155 -1.62 -30.31 24.84
C GLU E 155 -1.47 -30.25 23.31
N PRO E 156 -2.56 -30.00 22.56
CA PRO E 156 -3.94 -29.89 23.05
C PRO E 156 -4.86 -31.10 22.77
N VAL E 157 -6.06 -31.05 23.35
CA VAL E 157 -7.19 -31.83 22.82
C VAL E 157 -8.26 -30.88 22.30
N THR E 158 -9.09 -31.35 21.38
CA THR E 158 -10.31 -30.64 21.01
C THR E 158 -11.53 -31.47 21.41
N VAL E 159 -12.60 -30.77 21.80
CA VAL E 159 -13.83 -31.38 22.24
C VAL E 159 -14.96 -30.80 21.42
N THR E 160 -15.73 -31.67 20.78
CA THR E 160 -16.96 -31.26 20.14
C THR E 160 -18.09 -32.11 20.69
N TRP E 161 -19.32 -31.66 20.42
CA TRP E 161 -20.51 -32.35 20.84
C TRP E 161 -21.35 -32.61 19.61
N ASN E 162 -21.76 -33.86 19.45
CA ASN E 162 -22.50 -34.34 18.27
C ASN E 162 -21.84 -33.88 16.96
N SER E 163 -20.51 -33.96 16.95
CA SER E 163 -19.69 -33.59 15.80
C SER E 163 -19.99 -32.19 15.30
N GLY E 164 -20.27 -31.28 16.23
CA GLY E 164 -20.59 -29.89 15.90
C GLY E 164 -22.05 -29.49 15.79
N SER E 165 -22.97 -30.44 15.80
CA SER E 165 -24.40 -30.14 15.75
C SER E 165 -24.88 -29.47 17.02
N LEU E 166 -24.18 -29.74 18.12
CA LEU E 166 -24.39 -29.05 19.38
C LEU E 166 -23.25 -28.09 19.57
N SER E 167 -23.50 -26.82 19.28
CA SER E 167 -22.44 -25.80 19.32
C SER E 167 -22.72 -24.70 20.34
N SER E 168 -23.99 -24.46 20.64
CA SER E 168 -24.34 -23.50 21.68
C SER E 168 -24.41 -24.18 23.05
N GLY E 169 -24.22 -23.38 24.09
CA GLY E 169 -24.25 -23.86 25.46
C GLY E 169 -23.09 -24.76 25.87
N VAL E 170 -21.96 -24.66 25.16
CA VAL E 170 -20.79 -25.48 25.45
C VAL E 170 -19.76 -24.64 26.22
N HIS E 171 -19.10 -25.26 27.18
CA HIS E 171 -17.94 -24.63 27.83
C HIS E 171 -16.89 -25.68 27.88
N THR E 172 -15.74 -25.40 27.28
CA THR E 172 -14.62 -26.32 27.35
C THR E 172 -13.56 -25.64 28.15
N PHE E 173 -13.18 -26.26 29.25
CA PHE E 173 -12.37 -25.60 30.26
C PHE E 173 -10.90 -25.82 29.96
N PRO E 174 -10.05 -24.80 30.15
CA PRO E 174 -8.62 -24.97 29.96
C PRO E 174 -8.11 -26.13 30.78
N ALA E 175 -7.20 -26.90 30.22
CA ALA E 175 -6.61 -28.06 30.89
C ALA E 175 -5.81 -27.63 32.11
N VAL E 176 -5.80 -28.47 33.13
CA VAL E 176 -4.92 -28.30 34.29
C VAL E 176 -3.93 -29.46 34.41
N LEU E 177 -2.69 -29.14 34.78
CA LEU E 177 -1.62 -30.11 34.81
C LEU E 177 -1.60 -30.87 36.14
N GLN E 178 -2.33 -31.97 36.15
CA GLN E 178 -2.52 -32.87 37.31
C GLN E 178 -1.44 -33.97 37.25
N SER E 179 -0.22 -33.58 37.65
CA SER E 179 0.91 -34.49 37.88
C SER E 179 1.38 -35.19 36.61
N ASP E 180 2.20 -34.46 35.84
CA ASP E 180 2.72 -34.91 34.54
C ASP E 180 1.68 -35.02 33.43
N LEU E 181 0.40 -34.92 33.76
CA LEU E 181 -0.65 -35.12 32.75
C LEU E 181 -1.69 -34.01 32.82
N TYR E 182 -2.42 -33.84 31.73
CA TYR E 182 -3.39 -32.77 31.62
C TYR E 182 -4.74 -33.36 31.84
N THR E 183 -5.62 -32.57 32.47
CA THR E 183 -7.01 -32.91 32.62
C THR E 183 -7.88 -31.72 32.25
N LEU E 184 -8.95 -32.01 31.52
CA LEU E 184 -9.86 -31.00 31.04
C LEU E 184 -11.28 -31.55 31.10
N SER E 185 -12.24 -30.66 31.27
CA SER E 185 -13.63 -31.03 31.18
C SER E 185 -14.31 -30.11 30.18
N SER E 186 -15.44 -30.57 29.66
CA SER E 186 -16.34 -29.80 28.80
C SER E 186 -17.78 -30.05 29.25
N SER E 187 -18.55 -29.00 29.39
CA SER E 187 -19.97 -29.16 29.68
C SER E 187 -20.78 -28.71 28.49
N VAL E 188 -21.96 -29.32 28.30
CA VAL E 188 -22.91 -28.85 27.33
C VAL E 188 -24.28 -28.83 27.99
N THR E 189 -25.06 -27.80 27.67
CA THR E 189 -26.37 -27.59 28.25
C THR E 189 -27.40 -27.57 27.12
N VAL E 190 -28.42 -28.41 27.24
CA VAL E 190 -29.43 -28.62 26.20
C VAL E 190 -30.84 -28.62 26.81
N PRO E 191 -31.88 -28.35 26.02
CA PRO E 191 -33.23 -28.41 26.60
C PRO E 191 -33.47 -29.81 27.20
N SER E 192 -34.10 -29.82 28.36
CA SER E 192 -34.36 -31.04 29.10
C SER E 192 -35.20 -32.04 28.30
N SER E 193 -36.13 -31.53 27.50
CA SER E 193 -36.96 -32.41 26.68
C SER E 193 -36.21 -33.05 25.51
N THR E 194 -34.96 -32.68 25.27
CA THR E 194 -34.18 -33.30 24.19
C THR E 194 -33.24 -34.43 24.65
N TRP E 195 -33.01 -34.54 25.95
CA TRP E 195 -32.13 -35.58 26.46
C TRP E 195 -32.80 -36.30 27.62
N PRO E 196 -32.79 -37.64 27.63
CA PRO E 196 -31.99 -38.49 26.75
C PRO E 196 -32.64 -38.98 25.45
N SER E 197 -33.76 -38.39 25.04
CA SER E 197 -34.45 -38.87 23.85
C SER E 197 -33.59 -38.68 22.60
N GLU E 198 -32.94 -37.53 22.46
CA GLU E 198 -31.94 -37.31 21.41
C GLU E 198 -30.54 -37.55 22.02
N THR E 199 -29.74 -38.34 21.32
CA THR E 199 -28.42 -38.69 21.81
C THR E 199 -27.42 -37.52 21.83
N VAL E 200 -26.62 -37.49 22.86
CA VAL E 200 -25.54 -36.53 23.02
C VAL E 200 -24.23 -37.30 23.20
N THR E 201 -23.25 -36.97 22.36
CA THR E 201 -21.94 -37.64 22.29
C THR E 201 -20.83 -36.61 22.36
N CYS E 202 -19.83 -36.79 23.22
CA CYS E 202 -18.62 -35.97 23.11
C CYS E 202 -17.61 -36.64 22.21
N ASN E 203 -16.95 -35.83 21.39
CA ASN E 203 -15.93 -36.29 20.48
C ASN E 203 -14.63 -35.64 20.91
N VAL E 204 -13.66 -36.45 21.30
CA VAL E 204 -12.39 -35.93 21.78
C VAL E 204 -11.29 -36.36 20.82
N ALA E 205 -10.54 -35.39 20.33
CA ALA E 205 -9.40 -35.63 19.50
C ALA E 205 -8.15 -35.24 20.28
N HIS E 206 -7.13 -36.09 20.21
CA HIS E 206 -5.81 -35.78 20.77
C HIS E 206 -4.79 -36.03 19.68
N PRO E 207 -4.56 -35.03 18.84
CA PRO E 207 -3.64 -35.18 17.70
C PRO E 207 -2.24 -35.70 18.02
N ALA E 208 -1.62 -35.31 19.14
CA ALA E 208 -0.26 -35.81 19.42
C ALA E 208 -0.20 -37.35 19.55
N SER E 209 -1.28 -37.96 20.02
CA SER E 209 -1.33 -39.42 20.11
C SER E 209 -2.11 -40.06 18.95
N SER E 210 -2.60 -39.25 18.02
CA SER E 210 -3.36 -39.72 16.86
C SER E 210 -4.58 -40.57 17.29
N THR E 211 -5.29 -40.03 18.27
CA THR E 211 -6.45 -40.65 18.89
C THR E 211 -7.71 -39.79 18.75
N LYS E 212 -8.83 -40.43 18.43
CA LYS E 212 -10.15 -39.83 18.55
C LYS E 212 -11.00 -40.82 19.34
N VAL E 213 -11.82 -40.30 20.24
CA VAL E 213 -12.67 -41.11 21.10
C VAL E 213 -14.03 -40.46 21.06
N ASP E 214 -15.06 -41.24 20.83
CA ASP E 214 -16.44 -40.76 20.96
C ASP E 214 -17.09 -41.48 22.14
N LYS E 215 -17.68 -40.73 23.07
CA LYS E 215 -18.44 -41.28 24.19
C LYS E 215 -19.85 -40.69 24.20
N LYS E 216 -20.83 -41.54 23.97
CA LYS E 216 -22.22 -41.19 24.18
C LYS E 216 -22.47 -40.95 25.66
N ILE E 217 -23.27 -39.92 25.98
CA ILE E 217 -23.67 -39.70 27.37
C ILE E 217 -24.92 -40.54 27.63
N VAL E 218 -24.79 -41.53 28.49
CA VAL E 218 -25.87 -42.51 28.73
C VAL E 218 -26.47 -42.24 30.11
N PRO E 219 -27.79 -42.14 30.23
CA PRO E 219 -28.42 -41.91 31.53
C PRO E 219 -27.92 -42.94 32.53
N ARG E 220 -27.86 -42.58 33.81
CA ARG E 220 -27.33 -43.47 34.85
C ARG E 220 -28.34 -44.53 35.27
S SO4 F . 1.04 30.62 -45.86
O1 SO4 F . -0.08 31.08 -46.67
O2 SO4 F . 0.95 29.16 -45.90
O3 SO4 F . 0.82 31.10 -44.50
O4 SO4 F . 2.32 31.06 -46.39
S SO4 G . -11.35 -41.16 55.11
O1 SO4 G . -10.30 -41.11 54.09
O2 SO4 G . -10.76 -41.63 56.37
O3 SO4 G . -11.93 -39.85 55.37
O4 SO4 G . -12.38 -42.12 54.67
#